data_2CJP
#
_entry.id   2CJP
#
_cell.length_a   55.926
_cell.length_b   98.532
_cell.length_c   122.033
_cell.angle_alpha   90.00
_cell.angle_beta   90.00
_cell.angle_gamma   90.00
#
_symmetry.space_group_name_H-M   'P 21 21 21'
#
loop_
_entity.id
_entity.type
_entity.pdbx_description
1 polymer 'EPOXIDE HYDROLASE'
2 non-polymer 'TETRAETHYLENE GLYCOL'
3 non-polymer 2-PROPYLPENTANAMIDE
4 non-polymer 1,2-ETHANEDIOL
5 water water
#
_entity_poly.entity_id   1
_entity_poly.type   'polypeptide(L)'
_entity_poly.pdbx_seq_one_letter_code
;TSHHHHHMKKIEHKMVAVNGLNMHLAELGEGPTILFIHGFPELWYSWRHQMVYLAERGYRAVAPDLRGYGDTTGAPLNDP
SKFSILHLVGDVVALLEAIAPNEEKVFVVAHDWGALIAWHLCLFRPDKVKALVNLSVHFSKRNPKMNVVEGLKAIYGEDH
YISRFQVPGEIEAEFAPIGAKSVLKKILTYRDPAPFYFPKGKGLEAIPDAPVALSSWLSEEELDYYANKFEQTGFTGAVN
YYRALPINWELTAPWTGAQVKVPTKFIVGEFDLVYHIPGAKEYIHNGGFKKDVPLLEEVVVLEGAAHFVSQERPHEISKH
IYDFIQKF
;
_entity_poly.pdbx_strand_id   A,B
#
loop_
_chem_comp.id
_chem_comp.type
_chem_comp.name
_chem_comp.formula
EDO non-polymer 1,2-ETHANEDIOL 'C2 H6 O2'
PG4 non-polymer 'TETRAETHYLENE GLYCOL' 'C8 H18 O5'
VPR non-polymer 2-PROPYLPENTANAMIDE 'C8 H17 N O'
#
# COMPACT_ATOMS: atom_id res chain seq x y z
N LYS A 9 -10.98 -23.19 7.08
CA LYS A 9 -10.02 -24.11 6.40
C LYS A 9 -8.63 -23.52 6.33
N LYS A 10 -7.62 -24.37 6.53
CA LYS A 10 -6.23 -23.94 6.48
C LYS A 10 -5.53 -24.37 5.18
N ILE A 11 -4.32 -23.85 4.96
CA ILE A 11 -3.53 -24.17 3.77
C ILE A 11 -3.04 -25.61 3.82
N GLU A 12 -3.32 -26.36 2.75
CA GLU A 12 -2.91 -27.77 2.65
C GLU A 12 -1.65 -27.94 1.80
N HIS A 13 -0.72 -28.72 2.32
CA HIS A 13 0.55 -28.99 1.64
C HIS A 13 0.59 -30.44 1.16
N LYS A 14 0.80 -30.63 -0.14
CA LYS A 14 0.93 -31.97 -0.73
C LYS A 14 2.18 -32.10 -1.60
N MET A 15 2.57 -33.34 -1.90
CA MET A 15 3.69 -33.63 -2.81
C MET A 15 3.15 -34.27 -4.08
N VAL A 16 3.59 -33.75 -5.23
CA VAL A 16 3.14 -34.24 -6.53
C VAL A 16 4.35 -34.64 -7.38
N ALA A 17 4.34 -35.88 -7.88
CA ALA A 17 5.41 -36.36 -8.75
C ALA A 17 5.21 -35.83 -10.18
N VAL A 18 6.13 -34.99 -10.64
CA VAL A 18 6.01 -34.35 -11.96
C VAL A 18 7.35 -34.04 -12.63
N ASN A 19 7.47 -34.46 -13.90
CA ASN A 19 8.65 -34.22 -14.73
C ASN A 19 9.97 -34.59 -14.04
N GLY A 20 9.96 -35.75 -13.38
CA GLY A 20 11.15 -36.26 -12.70
C GLY A 20 11.42 -35.61 -11.35
N LEU A 21 10.50 -34.76 -10.89
CA LEU A 21 10.64 -34.10 -9.61
C LEU A 21 9.58 -34.58 -8.64
N ASN A 22 9.88 -34.45 -7.34
CA ASN A 22 8.86 -34.52 -6.31
C ASN A 22 8.55 -33.10 -5.87
N MET A 23 7.43 -32.57 -6.36
CA MET A 23 7.11 -31.14 -6.22
C MET A 23 6.17 -30.83 -5.06
N HIS A 24 6.63 -29.94 -4.19
CA HIS A 24 5.80 -29.41 -3.10
C HIS A 24 4.78 -28.42 -3.61
N LEU A 25 3.53 -28.59 -3.16
CA LEU A 25 2.42 -27.75 -3.56
C LEU A 25 1.64 -27.30 -2.33
N ALA A 26 1.35 -26.00 -2.26
CA ALA A 26 0.48 -25.45 -1.21
C ALA A 26 -0.86 -25.05 -1.82
N GLU A 27 -1.95 -25.34 -1.11
CA GLU A 27 -3.29 -25.19 -1.67
C GLU A 27 -4.28 -24.54 -0.69
N LEU A 28 -5.14 -23.67 -1.22
CA LEU A 28 -6.21 -23.04 -0.42
C LEU A 28 -7.43 -22.67 -1.27
N GLY A 29 -8.61 -23.09 -0.78
CA GLY A 29 -9.88 -22.71 -1.40
C GLY A 29 -10.44 -23.71 -2.38
N GLU A 30 -11.65 -23.45 -2.86
CA GLU A 30 -12.33 -24.31 -3.80
C GLU A 30 -12.93 -23.49 -4.95
N GLY A 31 -13.12 -24.14 -6.09
CA GLY A 31 -13.60 -23.47 -7.29
C GLY A 31 -12.54 -23.48 -8.38
N PRO A 32 -12.63 -22.55 -9.35
CA PRO A 32 -11.64 -22.51 -10.43
C PRO A 32 -10.21 -22.36 -9.94
N THR A 33 -9.31 -23.15 -10.54
CA THR A 33 -7.87 -23.16 -10.21
C THR A 33 -7.18 -21.87 -10.64
N ILE A 34 -6.35 -21.33 -9.76
CA ILE A 34 -5.39 -20.28 -10.09
C ILE A 34 -4.00 -20.80 -9.69
N LEU A 35 -3.11 -20.95 -10.66
CA LEU A 35 -1.73 -21.33 -10.37
C LEU A 35 -0.86 -20.07 -10.15
N PHE A 36 -0.23 -20.00 -8.99
CA PHE A 36 0.69 -18.91 -8.66
C PHE A 36 2.14 -19.39 -8.78
N ILE A 37 2.95 -18.68 -9.56
CA ILE A 37 4.35 -19.10 -9.79
C ILE A 37 5.35 -18.07 -9.26
N HIS A 38 6.12 -18.46 -8.24
CA HIS A 38 7.04 -17.53 -7.57
C HIS A 38 8.34 -17.26 -8.34
N GLY A 39 9.14 -16.31 -7.85
CA GLY A 39 10.40 -15.93 -8.48
C GLY A 39 11.60 -16.10 -7.56
N PHE A 40 12.66 -15.34 -7.83
CA PHE A 40 13.94 -15.46 -7.11
C PHE A 40 14.17 -14.31 -6.13
N PRO A 41 14.66 -14.61 -4.91
CA PRO A 41 14.87 -15.93 -4.34
C PRO A 41 13.75 -16.25 -3.35
N GLU A 42 12.63 -16.72 -3.89
CA GLU A 42 11.36 -16.78 -3.15
C GLU A 42 10.81 -18.20 -3.04
N LEU A 43 9.57 -18.32 -2.58
CA LEU A 43 8.94 -19.62 -2.36
C LEU A 43 7.46 -19.51 -2.64
N TRP A 44 6.73 -20.62 -2.53
CA TRP A 44 5.27 -20.61 -2.55
C TRP A 44 4.73 -19.57 -1.56
N TYR A 45 5.50 -19.37 -0.48
CA TYR A 45 5.15 -18.53 0.67
C TYR A 45 4.90 -17.07 0.27
N SER A 46 5.52 -16.63 -0.82
CA SER A 46 5.39 -15.28 -1.35
C SER A 46 3.97 -14.91 -1.78
N TRP A 47 3.12 -15.93 -1.94
CA TRP A 47 1.72 -15.72 -2.34
C TRP A 47 0.73 -15.81 -1.19
N ARG A 48 1.25 -15.84 0.05
CA ARG A 48 0.43 -16.00 1.25
C ARG A 48 -0.82 -15.10 1.31
N HIS A 49 -0.66 -13.83 0.94
CA HIS A 49 -1.76 -12.85 1.03
C HIS A 49 -2.79 -13.08 -0.07
N GLN A 50 -2.30 -13.35 -1.27
CA GLN A 50 -3.16 -13.56 -2.44
C GLN A 50 -3.96 -14.86 -2.36
N MET A 51 -3.36 -15.90 -1.78
CA MET A 51 -4.07 -17.19 -1.64
C MET A 51 -5.30 -17.02 -0.75
N VAL A 52 -5.11 -16.32 0.37
CA VAL A 52 -6.21 -15.99 1.29
C VAL A 52 -7.32 -15.20 0.60
N TYR A 53 -6.96 -14.08 -0.05
CA TYR A 53 -7.93 -13.20 -0.68
C TYR A 53 -8.75 -13.88 -1.77
N LEU A 54 -8.08 -14.68 -2.59
CA LEU A 54 -8.75 -15.32 -3.74
C LEU A 54 -9.62 -16.52 -3.32
N ALA A 55 -9.16 -17.27 -2.32
CA ALA A 55 -9.91 -18.41 -1.80
C ALA A 55 -11.22 -17.96 -1.14
N GLU A 56 -11.16 -16.85 -0.42
CA GLU A 56 -12.33 -16.26 0.23
C GLU A 56 -13.31 -15.70 -0.80
N ARG A 57 -12.87 -15.62 -2.06
CA ARG A 57 -13.74 -15.14 -3.14
C ARG A 57 -14.10 -16.21 -4.19
N GLY A 58 -13.98 -17.48 -3.81
CA GLY A 58 -14.50 -18.59 -4.62
C GLY A 58 -13.56 -19.19 -5.65
N TYR A 59 -12.26 -19.07 -5.40
CA TYR A 59 -11.25 -19.66 -6.28
C TYR A 59 -10.36 -20.64 -5.51
N ARG A 60 -9.76 -21.56 -6.24
CA ARG A 60 -8.84 -22.53 -5.67
C ARG A 60 -7.40 -22.09 -5.98
N ALA A 61 -6.68 -21.65 -4.95
CA ALA A 61 -5.31 -21.15 -5.12
C ALA A 61 -4.25 -22.22 -4.91
N VAL A 62 -3.43 -22.43 -5.94
CA VAL A 62 -2.37 -23.42 -5.90
C VAL A 62 -1.02 -22.72 -6.13
N ALA A 63 -0.08 -22.94 -5.22
CA ALA A 63 1.26 -22.36 -5.29
C ALA A 63 2.36 -23.38 -4.97
N PRO A 64 3.11 -23.83 -6.00
CA PRO A 64 4.21 -24.78 -5.74
C PRO A 64 5.52 -24.10 -5.35
N ASP A 65 6.43 -24.87 -4.78
CA ASP A 65 7.85 -24.51 -4.77
C ASP A 65 8.42 -25.05 -6.07
N LEU A 66 9.17 -24.22 -6.79
CA LEU A 66 9.63 -24.59 -8.13
C LEU A 66 10.85 -25.50 -8.07
N ARG A 67 11.23 -26.04 -9.22
CA ARG A 67 12.44 -26.86 -9.36
C ARG A 67 13.62 -26.18 -8.68
N GLY A 68 14.25 -26.87 -7.73
CA GLY A 68 15.40 -26.36 -7.00
C GLY A 68 15.10 -25.47 -5.80
N TYR A 69 13.83 -25.30 -5.46
CA TYR A 69 13.43 -24.45 -4.34
C TYR A 69 12.71 -25.20 -3.21
N GLY A 70 12.94 -24.75 -1.98
CA GLY A 70 12.14 -25.17 -0.83
C GLY A 70 12.05 -26.67 -0.66
N ASP A 71 10.83 -27.20 -0.67
CA ASP A 71 10.58 -28.63 -0.44
C ASP A 71 10.40 -29.46 -1.71
N THR A 72 10.75 -28.87 -2.86
CA THR A 72 10.71 -29.57 -4.13
C THR A 72 12.07 -30.21 -4.39
N THR A 73 12.05 -31.52 -4.64
CA THR A 73 13.27 -32.31 -4.75
C THR A 73 13.40 -32.99 -6.11
N GLY A 74 14.64 -33.36 -6.45
CA GLY A 74 14.89 -34.22 -7.61
C GLY A 74 15.82 -33.65 -8.65
N ALA A 75 16.05 -32.35 -8.60
CA ALA A 75 16.86 -31.69 -9.63
C ALA A 75 18.35 -31.77 -9.30
N PRO A 76 19.18 -32.14 -10.29
CA PRO A 76 20.63 -32.25 -10.07
C PRO A 76 21.29 -30.88 -9.97
N LEU A 77 21.60 -30.47 -8.74
CA LEU A 77 22.19 -29.15 -8.48
C LEU A 77 23.50 -28.91 -9.22
N ASN A 78 24.20 -29.99 -9.57
CA ASN A 78 25.51 -29.93 -10.23
C ASN A 78 25.40 -29.63 -11.72
N ASP A 79 24.17 -29.61 -12.24
CA ASP A 79 23.95 -29.48 -13.66
C ASP A 79 22.91 -28.37 -13.94
N PRO A 80 23.37 -27.12 -14.08
CA PRO A 80 22.54 -25.96 -14.48
C PRO A 80 21.77 -26.16 -15.78
N SER A 81 22.26 -27.06 -16.64
CA SER A 81 21.58 -27.34 -17.90
C SER A 81 20.19 -27.97 -17.71
N LYS A 82 19.95 -28.54 -16.52
CA LYS A 82 18.65 -29.14 -16.20
C LYS A 82 17.73 -28.13 -15.51
N PHE A 83 18.05 -26.85 -15.68
CA PHE A 83 17.24 -25.76 -15.15
C PHE A 83 16.86 -24.79 -16.27
N SER A 84 16.97 -25.28 -17.51
CA SER A 84 16.55 -24.53 -18.69
C SER A 84 15.06 -24.19 -18.64
N ILE A 85 14.65 -23.23 -19.47
CA ILE A 85 13.27 -22.77 -19.54
C ILE A 85 12.34 -23.85 -20.08
N LEU A 86 12.90 -24.77 -20.86
CA LEU A 86 12.17 -25.94 -21.36
C LEU A 86 11.87 -26.93 -20.24
N HIS A 87 12.81 -27.12 -19.32
CA HIS A 87 12.61 -28.00 -18.17
C HIS A 87 11.56 -27.41 -17.22
N LEU A 88 11.63 -26.10 -17.03
CA LEU A 88 10.75 -25.38 -16.11
C LEU A 88 9.31 -25.36 -16.57
N VAL A 89 9.08 -25.09 -17.85
CA VAL A 89 7.74 -25.17 -18.43
C VAL A 89 7.24 -26.63 -18.42
N GLY A 90 8.13 -27.58 -18.69
CA GLY A 90 7.82 -29.02 -18.57
C GLY A 90 7.26 -29.39 -17.21
N ASP A 91 7.90 -28.89 -16.15
CA ASP A 91 7.43 -29.02 -14.77
C ASP A 91 5.98 -28.52 -14.61
N VAL A 92 5.71 -27.33 -15.13
CA VAL A 92 4.40 -26.67 -14.98
C VAL A 92 3.31 -27.39 -15.79
N VAL A 93 3.64 -27.80 -17.01
CA VAL A 93 2.69 -28.56 -17.83
C VAL A 93 2.29 -29.86 -17.13
N ALA A 94 3.28 -30.59 -16.61
CA ALA A 94 3.05 -31.83 -15.88
C ALA A 94 2.21 -31.62 -14.62
N LEU A 95 2.56 -30.59 -13.85
CA LEU A 95 1.81 -30.21 -12.65
C LEU A 95 0.32 -29.99 -12.95
N LEU A 96 0.02 -29.15 -13.95
CA LEU A 96 -1.36 -28.86 -14.34
C LEU A 96 -2.16 -30.12 -14.76
N GLU A 97 -1.49 -31.04 -15.43
CA GLU A 97 -2.10 -32.31 -15.82
C GLU A 97 -2.43 -33.16 -14.59
N ALA A 98 -1.56 -33.12 -13.59
CA ALA A 98 -1.73 -33.87 -12.36
C ALA A 98 -2.76 -33.25 -11.41
N ILE A 99 -2.76 -31.92 -11.28
CA ILE A 99 -3.56 -31.26 -10.25
C ILE A 99 -4.83 -30.56 -10.76
N ALA A 100 -4.94 -30.39 -12.07
CA ALA A 100 -6.14 -29.84 -12.68
C ALA A 100 -6.59 -30.68 -13.87
N PRO A 101 -6.91 -31.97 -13.63
CA PRO A 101 -7.24 -32.88 -14.73
C PRO A 101 -8.54 -32.56 -15.45
N ASN A 102 -9.40 -31.74 -14.84
CA ASN A 102 -10.70 -31.42 -15.42
C ASN A 102 -10.86 -29.98 -15.92
N GLU A 103 -9.77 -29.22 -15.89
CA GLU A 103 -9.76 -27.89 -16.47
C GLU A 103 -8.73 -27.85 -17.58
N GLU A 104 -9.22 -27.71 -18.81
CA GLU A 104 -8.35 -27.62 -19.98
C GLU A 104 -7.47 -26.36 -19.92
N LYS A 105 -8.06 -25.25 -19.49
CA LYS A 105 -7.34 -24.00 -19.24
C LYS A 105 -7.46 -23.58 -17.78
N VAL A 106 -6.39 -23.01 -17.22
CA VAL A 106 -6.45 -22.46 -15.87
C VAL A 106 -5.98 -20.99 -15.87
N PHE A 107 -6.22 -20.30 -14.76
CA PHE A 107 -5.71 -18.94 -14.54
C PHE A 107 -4.29 -19.06 -14.00
N VAL A 108 -3.39 -18.21 -14.49
CA VAL A 108 -2.01 -18.18 -14.01
C VAL A 108 -1.62 -16.80 -13.48
N VAL A 109 -0.99 -16.77 -12.32
CA VAL A 109 -0.42 -15.55 -11.74
C VAL A 109 1.04 -15.83 -11.45
N ALA A 110 1.93 -14.93 -11.89
CA ALA A 110 3.36 -15.20 -11.74
C ALA A 110 4.20 -13.95 -11.52
N HIS A 111 5.37 -14.11 -10.91
CA HIS A 111 6.26 -13.00 -10.55
C HIS A 111 7.73 -13.34 -10.85
N ASP A 112 8.47 -12.38 -11.41
CA ASP A 112 9.94 -12.49 -11.56
C ASP A 112 10.31 -13.68 -12.48
N TRP A 113 11.14 -14.62 -12.02
CA TRP A 113 11.46 -15.83 -12.80
C TRP A 113 10.19 -16.64 -13.10
N GLY A 114 9.24 -16.62 -12.17
CA GLY A 114 7.92 -17.20 -12.41
C GLY A 114 7.23 -16.58 -13.60
N ALA A 115 7.32 -15.26 -13.72
CA ALA A 115 6.74 -14.55 -14.85
C ALA A 115 7.39 -14.96 -16.17
N LEU A 116 8.71 -15.15 -16.14
CA LEU A 116 9.46 -15.61 -17.31
C LEU A 116 9.01 -17.01 -17.71
N ILE A 117 8.84 -17.88 -16.72
CA ILE A 117 8.29 -19.21 -16.97
C ILE A 117 6.90 -19.09 -17.61
N ALA A 118 6.05 -18.23 -17.04
CA ALA A 118 4.67 -18.06 -17.53
C ALA A 118 4.56 -17.54 -18.94
N TRP A 119 5.44 -16.60 -19.32
CA TRP A 119 5.52 -16.12 -20.71
C TRP A 119 5.75 -17.27 -21.69
N HIS A 120 6.64 -18.20 -21.33
CA HIS A 120 7.00 -19.32 -22.21
C HIS A 120 5.95 -20.43 -22.18
N LEU A 121 5.32 -20.64 -21.02
CA LEU A 121 4.14 -21.49 -20.92
C LEU A 121 3.09 -21.06 -21.95
N CYS A 122 2.85 -19.76 -22.05
CA CYS A 122 1.85 -19.22 -22.97
C CYS A 122 2.28 -19.35 -24.43
N LEU A 123 3.57 -19.21 -24.69
CA LEU A 123 4.12 -19.44 -26.03
C LEU A 123 4.05 -20.90 -26.42
N PHE A 124 4.45 -21.80 -25.51
CA PHE A 124 4.52 -23.22 -25.83
C PHE A 124 3.14 -23.88 -25.84
N ARG A 125 2.33 -23.56 -24.83
CA ARG A 125 1.04 -24.21 -24.64
C ARG A 125 -0.07 -23.21 -24.28
N PRO A 126 -0.51 -22.38 -25.24
CA PRO A 126 -1.61 -21.44 -24.97
C PRO A 126 -2.94 -22.14 -24.66
N ASP A 127 -3.06 -23.38 -25.12
CA ASP A 127 -4.23 -24.22 -24.84
C ASP A 127 -4.41 -24.57 -23.36
N LYS A 128 -3.45 -24.18 -22.51
CA LYS A 128 -3.50 -24.47 -21.07
C LYS A 128 -3.81 -23.25 -20.18
N VAL A 129 -3.75 -22.05 -20.75
CA VAL A 129 -3.91 -20.81 -19.97
C VAL A 129 -5.10 -20.00 -20.46
N LYS A 130 -6.07 -19.75 -19.58
CA LYS A 130 -7.22 -18.92 -19.98
C LYS A 130 -6.93 -17.43 -19.88
N ALA A 131 -6.23 -17.01 -18.83
CA ALA A 131 -5.78 -15.61 -18.68
C ALA A 131 -4.56 -15.54 -17.74
N LEU A 132 -3.72 -14.53 -17.94
CA LEU A 132 -2.44 -14.41 -17.22
C LEU A 132 -2.26 -13.05 -16.53
N VAL A 133 -1.87 -13.07 -15.25
CA VAL A 133 -1.43 -11.87 -14.54
C VAL A 133 0.05 -12.03 -14.23
N ASN A 134 0.88 -11.24 -14.90
CA ASN A 134 2.33 -11.29 -14.69
C ASN A 134 2.85 -10.08 -13.95
N LEU A 135 3.76 -10.30 -13.01
CA LEU A 135 4.31 -9.23 -12.20
C LEU A 135 5.81 -9.06 -12.48
N SER A 136 6.25 -7.80 -12.55
CA SER A 136 7.67 -7.42 -12.59
C SER A 136 8.41 -7.63 -13.92
N VAL A 137 8.37 -8.84 -14.47
CA VAL A 137 9.15 -9.16 -15.67
C VAL A 137 8.28 -9.09 -16.92
N HIS A 138 8.50 -8.06 -17.73
CA HIS A 138 7.83 -7.87 -19.02
C HIS A 138 8.27 -8.93 -20.04
N PHE A 139 7.51 -9.12 -21.11
CA PHE A 139 7.91 -10.04 -22.18
C PHE A 139 9.25 -9.59 -22.75
N SER A 140 10.21 -10.50 -22.80
CA SER A 140 11.53 -10.15 -23.31
C SER A 140 11.72 -10.75 -24.68
N LYS A 141 11.57 -9.92 -25.70
CA LYS A 141 11.79 -10.34 -27.07
C LYS A 141 13.24 -10.82 -27.22
N ARG A 142 13.41 -11.99 -27.83
CA ARG A 142 14.73 -12.56 -28.06
C ARG A 142 15.59 -11.62 -28.91
N ASN A 143 16.78 -11.28 -28.39
CA ASN A 143 17.76 -10.50 -29.13
C ASN A 143 18.55 -11.42 -30.06
N PRO A 144 18.45 -11.20 -31.38
CA PRO A 144 19.12 -12.07 -32.37
C PRO A 144 20.64 -12.11 -32.21
N LYS A 145 21.20 -11.03 -31.69
CA LYS A 145 22.66 -10.86 -31.65
C LYS A 145 23.34 -11.43 -30.41
N MET A 146 22.63 -11.50 -29.29
CA MET A 146 23.23 -11.94 -28.02
C MET A 146 22.23 -12.41 -26.97
N ASN A 147 22.70 -13.22 -26.03
CA ASN A 147 21.87 -13.70 -24.91
C ASN A 147 21.74 -12.65 -23.79
N VAL A 148 20.85 -12.92 -22.84
CA VAL A 148 20.55 -11.97 -21.76
C VAL A 148 21.77 -11.62 -20.90
N VAL A 149 22.55 -12.64 -20.56
CA VAL A 149 23.75 -12.47 -19.74
C VAL A 149 24.73 -11.49 -20.40
N GLU A 150 24.90 -11.64 -21.71
CA GLU A 150 25.82 -10.80 -22.50
C GLU A 150 25.28 -9.38 -22.71
N GLY A 151 23.98 -9.26 -22.94
CA GLY A 151 23.34 -7.96 -23.12
C GLY A 151 23.43 -7.07 -21.89
N LEU A 152 23.15 -7.66 -20.71
CA LEU A 152 23.19 -6.92 -19.45
C LEU A 152 24.61 -6.66 -18.98
N LYS A 153 25.53 -7.57 -19.31
CA LYS A 153 26.95 -7.40 -19.01
C LYS A 153 27.55 -6.25 -19.83
N ALA A 154 27.03 -6.05 -21.04
CA ALA A 154 27.44 -4.91 -21.88
C ALA A 154 26.99 -3.57 -21.28
N ILE A 155 25.81 -3.57 -20.67
CA ILE A 155 25.28 -2.38 -20.03
C ILE A 155 25.92 -2.12 -18.66
N TYR A 156 25.92 -3.15 -17.80
CA TYR A 156 26.27 -2.98 -16.39
C TYR A 156 27.63 -3.54 -15.94
N GLY A 157 28.35 -4.18 -16.86
CA GLY A 157 29.70 -4.67 -16.55
C GLY A 157 29.77 -6.00 -15.81
N GLU A 158 30.99 -6.35 -15.40
CA GLU A 158 31.32 -7.66 -14.85
C GLU A 158 30.72 -8.01 -13.49
N ASP A 159 30.40 -6.98 -12.70
CA ASP A 159 29.92 -7.20 -11.35
C ASP A 159 28.40 -7.31 -11.24
N HIS A 160 27.71 -7.17 -12.38
CA HIS A 160 26.26 -7.36 -12.44
C HIS A 160 25.93 -8.73 -11.85
N TYR A 161 24.85 -8.81 -11.08
CA TYR A 161 24.50 -10.06 -10.39
C TYR A 161 24.38 -11.27 -11.31
N ILE A 162 23.81 -11.06 -12.49
CA ILE A 162 23.58 -12.17 -13.46
C ILE A 162 24.91 -12.65 -14.03
N SER A 163 25.83 -11.72 -14.28
CA SER A 163 27.19 -12.04 -14.69
C SER A 163 27.94 -12.83 -13.61
N ARG A 164 27.85 -12.36 -12.37
CA ARG A 164 28.53 -13.00 -11.23
C ARG A 164 27.94 -14.33 -10.80
N PHE A 165 26.69 -14.59 -11.19
CA PHE A 165 25.98 -15.83 -10.88
C PHE A 165 26.41 -17.01 -11.79
N GLN A 166 27.16 -16.70 -12.85
CA GLN A 166 27.38 -17.64 -13.96
C GLN A 166 28.26 -18.85 -13.69
N VAL A 167 29.34 -18.65 -12.94
CA VAL A 167 30.31 -19.72 -12.67
C VAL A 167 29.89 -20.55 -11.45
N PRO A 168 29.63 -21.85 -11.64
CA PRO A 168 29.20 -22.71 -10.53
C PRO A 168 30.15 -22.66 -9.34
N GLY A 169 29.58 -22.48 -8.14
CA GLY A 169 30.35 -22.40 -6.91
C GLY A 169 30.68 -21.00 -6.41
N GLU A 170 30.93 -20.07 -7.34
CA GLU A 170 31.43 -18.73 -6.98
C GLU A 170 30.51 -17.95 -6.02
N ILE A 171 29.28 -17.69 -6.46
CA ILE A 171 28.35 -16.91 -5.63
C ILE A 171 27.95 -17.66 -4.34
N GLU A 172 27.88 -18.99 -4.42
CA GLU A 172 27.63 -19.82 -3.26
C GLU A 172 28.71 -19.64 -2.19
N ALA A 173 29.96 -19.53 -2.63
CA ALA A 173 31.10 -19.31 -1.73
C ALA A 173 31.05 -17.90 -1.12
N GLU A 174 30.49 -16.95 -1.85
CA GLU A 174 30.34 -15.58 -1.36
C GLU A 174 29.27 -15.47 -0.29
N PHE A 175 28.15 -16.16 -0.49
CA PHE A 175 27.03 -16.14 0.46
C PHE A 175 27.32 -16.98 1.70
N ALA A 176 28.19 -17.99 1.54
CA ALA A 176 28.49 -18.96 2.61
C ALA A 176 28.85 -18.35 3.97
N PRO A 177 29.84 -17.43 4.02
CA PRO A 177 30.17 -16.84 5.31
C PRO A 177 29.12 -15.84 5.82
N ILE A 178 28.34 -15.26 4.90
CA ILE A 178 27.33 -14.25 5.25
C ILE A 178 26.10 -14.85 5.94
N GLY A 179 25.62 -15.98 5.45
CA GLY A 179 24.43 -16.63 6.01
C GLY A 179 23.19 -16.28 5.20
N ALA A 180 22.22 -17.20 5.21
CA ALA A 180 21.00 -17.08 4.40
C ALA A 180 20.12 -15.89 4.79
N LYS A 181 19.93 -15.70 6.09
CA LYS A 181 19.09 -14.62 6.60
C LYS A 181 19.56 -13.22 6.19
N SER A 182 20.87 -12.99 6.23
CA SER A 182 21.44 -11.68 5.87
C SER A 182 21.35 -11.38 4.38
N VAL A 183 21.57 -12.41 3.55
CA VAL A 183 21.42 -12.28 2.11
C VAL A 183 19.95 -12.02 1.74
N LEU A 184 19.04 -12.85 2.26
CA LEU A 184 17.62 -12.70 1.97
C LEU A 184 17.03 -11.36 2.43
N LYS A 185 17.40 -10.93 3.64
CA LYS A 185 16.97 -9.62 4.15
C LYS A 185 17.44 -8.49 3.23
N LYS A 186 18.70 -8.56 2.82
CA LYS A 186 19.29 -7.55 1.94
C LYS A 186 18.58 -7.44 0.59
N ILE A 187 18.14 -8.58 0.06
CA ILE A 187 17.45 -8.63 -1.22
C ILE A 187 15.99 -8.20 -1.09
N LEU A 188 15.27 -8.76 -0.11
CA LEU A 188 13.84 -8.51 0.08
C LEU A 188 13.51 -7.07 0.41
N THR A 189 14.45 -6.39 1.07
CA THR A 189 14.26 -5.00 1.51
C THR A 189 14.82 -3.98 0.50
N TYR A 190 15.37 -4.48 -0.61
CA TYR A 190 15.96 -3.65 -1.64
C TYR A 190 14.94 -2.76 -2.36
N ARG A 191 15.30 -1.50 -2.60
CA ARG A 191 14.38 -0.52 -3.22
C ARG A 191 14.99 0.33 -4.33
N ASP A 192 16.32 0.28 -4.48
CA ASP A 192 17.03 1.11 -5.47
C ASP A 192 16.78 0.59 -6.89
N PRO A 193 16.60 1.50 -7.88
CA PRO A 193 16.37 1.05 -9.26
C PRO A 193 17.59 0.43 -9.98
N ALA A 194 18.77 0.49 -9.37
CA ALA A 194 19.97 -0.11 -9.97
C ALA A 194 19.96 -1.63 -9.82
N PRO A 195 20.58 -2.37 -10.76
CA PRO A 195 20.72 -3.81 -10.55
C PRO A 195 21.64 -4.13 -9.37
N PHE A 196 21.57 -5.36 -8.88
CA PHE A 196 22.46 -5.82 -7.84
C PHE A 196 23.89 -5.94 -8.37
N TYR A 197 24.84 -5.54 -7.55
CA TYR A 197 26.25 -5.71 -7.88
C TYR A 197 26.87 -6.61 -6.83
N PHE A 198 27.58 -7.63 -7.30
CA PHE A 198 28.28 -8.56 -6.40
C PHE A 198 29.77 -8.64 -6.74
N PRO A 199 30.52 -7.54 -6.52
CA PRO A 199 31.96 -7.56 -6.84
C PRO A 199 32.69 -8.59 -5.98
N LYS A 200 33.64 -9.30 -6.58
CA LYS A 200 34.32 -10.43 -5.94
C LYS A 200 34.97 -10.04 -4.61
N GLY A 201 34.68 -10.81 -3.57
CA GLY A 201 35.24 -10.59 -2.24
C GLY A 201 34.52 -9.59 -1.34
N LYS A 202 33.56 -8.84 -1.92
CA LYS A 202 32.97 -7.69 -1.23
C LYS A 202 31.62 -7.94 -0.54
N GLY A 203 31.20 -9.21 -0.47
CA GLY A 203 29.95 -9.58 0.22
C GLY A 203 28.72 -8.81 -0.23
N LEU A 204 28.02 -8.21 0.73
CA LEU A 204 26.81 -7.42 0.44
C LEU A 204 27.07 -5.91 0.42
N GLU A 205 28.35 -5.53 0.43
CA GLU A 205 28.77 -4.12 0.58
C GLU A 205 28.38 -3.18 -0.57
N ALA A 206 28.21 -3.72 -1.78
CA ALA A 206 27.85 -2.90 -2.94
C ALA A 206 26.33 -2.70 -3.10
N ILE A 207 25.55 -3.18 -2.13
CA ILE A 207 24.10 -3.09 -2.18
C ILE A 207 23.58 -2.00 -1.23
N PRO A 208 22.98 -0.92 -1.78
CA PRO A 208 22.42 0.17 -0.98
C PRO A 208 21.27 -0.29 -0.07
N ASP A 209 21.18 0.32 1.11
CA ASP A 209 20.07 0.08 2.02
C ASP A 209 19.06 1.23 1.98
N ALA A 210 17.77 0.90 2.09
CA ALA A 210 16.71 1.88 2.21
C ALA A 210 16.48 2.20 3.69
N PRO A 211 15.81 3.34 4.00
CA PRO A 211 15.32 3.56 5.37
C PRO A 211 14.47 2.39 5.85
N VAL A 212 14.73 1.96 7.08
CA VAL A 212 14.09 0.78 7.71
C VAL A 212 12.55 0.81 7.68
N ALA A 213 11.96 2.00 7.81
CA ALA A 213 10.50 2.13 7.81
C ALA A 213 9.83 1.63 6.51
N LEU A 214 10.58 1.61 5.41
CA LEU A 214 10.03 1.20 4.11
C LEU A 214 9.93 -0.32 3.92
N SER A 215 10.44 -1.09 4.88
CA SER A 215 10.29 -2.55 4.84
C SER A 215 9.43 -3.09 5.97
N SER A 216 8.62 -2.23 6.60
CA SER A 216 7.72 -2.64 7.68
C SER A 216 6.71 -3.70 7.25
N TRP A 217 6.56 -3.88 5.93
CA TRP A 217 5.69 -4.92 5.38
C TRP A 217 6.22 -6.34 5.60
N LEU A 218 7.52 -6.44 5.90
CA LEU A 218 8.18 -7.73 6.09
C LEU A 218 8.45 -7.94 7.58
N SER A 219 7.70 -8.84 8.21
CA SER A 219 7.90 -9.19 9.62
C SER A 219 9.12 -10.09 9.80
N GLU A 220 9.53 -10.25 11.06
CA GLU A 220 10.66 -11.12 11.41
C GLU A 220 10.29 -12.59 11.19
N GLU A 221 9.02 -12.92 11.42
CA GLU A 221 8.49 -14.26 11.18
C GLU A 221 8.54 -14.62 9.70
N GLU A 222 8.12 -13.67 8.85
CA GLU A 222 8.14 -13.87 7.40
C GLU A 222 9.56 -14.09 6.91
N LEU A 223 10.48 -13.19 7.29
CA LEU A 223 11.90 -13.31 6.96
C LEU A 223 12.49 -14.65 7.41
N ASP A 224 12.13 -15.09 8.62
CA ASP A 224 12.58 -16.37 9.15
C ASP A 224 12.13 -17.55 8.30
N TYR A 225 10.89 -17.51 7.84
CA TYR A 225 10.38 -18.59 6.98
C TYR A 225 11.27 -18.78 5.74
N TYR A 226 11.61 -17.67 5.08
CA TYR A 226 12.50 -17.70 3.93
C TYR A 226 13.89 -18.19 4.30
N ALA A 227 14.47 -17.61 5.35
CA ALA A 227 15.84 -17.90 5.79
C ALA A 227 16.04 -19.37 6.19
N ASN A 228 15.04 -19.93 6.87
CA ASN A 228 15.08 -21.33 7.31
C ASN A 228 15.09 -22.33 6.16
N LYS A 229 14.32 -22.05 5.10
CA LYS A 229 14.31 -22.89 3.91
C LYS A 229 15.63 -22.81 3.14
N PHE A 230 16.16 -21.60 2.99
CA PHE A 230 17.38 -21.40 2.21
C PHE A 230 18.67 -21.82 2.92
N GLU A 231 18.63 -21.82 4.26
CA GLU A 231 19.77 -22.32 5.04
C GLU A 231 19.92 -23.83 4.79
N GLN A 232 18.80 -24.53 4.74
CA GLN A 232 18.75 -25.96 4.40
C GLN A 232 19.16 -26.25 2.93
N THR A 233 18.46 -25.66 1.98
CA THR A 233 18.63 -25.97 0.55
C THR A 233 19.89 -25.36 -0.05
N GLY A 234 20.33 -24.24 0.49
CA GLY A 234 21.36 -23.44 -0.16
C GLY A 234 20.73 -22.67 -1.31
N PHE A 235 21.55 -21.98 -2.08
CA PHE A 235 21.06 -21.11 -3.16
C PHE A 235 21.28 -21.67 -4.57
N THR A 236 21.85 -22.87 -4.67
CA THR A 236 22.27 -23.43 -5.97
C THR A 236 21.10 -23.67 -6.94
N GLY A 237 20.04 -24.34 -6.48
CA GLY A 237 18.86 -24.58 -7.32
C GLY A 237 18.31 -23.29 -7.91
N ALA A 238 18.16 -22.28 -7.04
CA ALA A 238 17.67 -20.96 -7.43
C ALA A 238 18.59 -20.26 -8.42
N VAL A 239 19.88 -20.19 -8.10
CA VAL A 239 20.85 -19.50 -8.96
C VAL A 239 21.04 -20.21 -10.30
N ASN A 240 20.88 -21.54 -10.31
CA ASN A 240 21.00 -22.31 -11.56
C ASN A 240 20.12 -21.80 -12.72
N TYR A 241 18.97 -21.18 -12.39
CA TYR A 241 18.10 -20.59 -13.43
C TYR A 241 18.84 -19.55 -14.28
N TYR A 242 19.62 -18.71 -13.62
CA TYR A 242 20.42 -17.70 -14.32
C TYR A 242 21.56 -18.35 -15.13
N ARG A 243 22.12 -19.43 -14.60
CA ARG A 243 23.19 -20.17 -15.30
C ARG A 243 22.69 -20.83 -16.59
N ALA A 244 21.38 -21.07 -16.68
CA ALA A 244 20.79 -21.61 -17.92
C ALA A 244 20.37 -20.56 -18.96
N LEU A 245 20.53 -19.27 -18.63
CA LEU A 245 20.15 -18.22 -19.59
C LEU A 245 20.86 -18.29 -20.96
N PRO A 246 22.17 -18.61 -21.00
CA PRO A 246 22.78 -18.82 -22.33
C PRO A 246 22.16 -19.96 -23.14
N ILE A 247 21.90 -21.12 -22.53
CA ILE A 247 21.20 -22.18 -23.29
C ILE A 247 19.74 -21.84 -23.62
N ASN A 248 19.04 -21.18 -22.70
CA ASN A 248 17.67 -20.69 -22.99
C ASN A 248 17.60 -19.89 -24.28
N TRP A 249 18.57 -18.99 -24.45
CA TRP A 249 18.65 -18.17 -25.66
C TRP A 249 18.73 -19.00 -26.93
N GLU A 250 19.60 -20.02 -26.93
CA GLU A 250 19.73 -20.93 -28.07
C GLU A 250 18.48 -21.77 -28.30
N LEU A 251 17.94 -22.31 -27.21
CA LEU A 251 16.82 -23.24 -27.28
C LEU A 251 15.49 -22.60 -27.69
N THR A 252 15.40 -21.27 -27.65
CA THR A 252 14.15 -20.56 -27.92
C THR A 252 14.05 -19.93 -29.31
N ALA A 253 15.06 -20.18 -30.15
CA ALA A 253 15.06 -19.69 -31.53
C ALA A 253 13.83 -20.04 -32.38
N PRO A 254 13.19 -21.22 -32.13
CA PRO A 254 11.95 -21.54 -32.87
C PRO A 254 10.80 -20.52 -32.71
N TRP A 255 10.82 -19.77 -31.62
CA TRP A 255 9.72 -18.83 -31.31
C TRP A 255 10.01 -17.36 -31.63
N THR A 256 11.03 -17.11 -32.45
CA THR A 256 11.28 -15.77 -32.98
C THR A 256 10.09 -15.38 -33.85
N GLY A 257 9.42 -14.28 -33.48
CA GLY A 257 8.27 -13.77 -34.23
C GLY A 257 6.92 -14.24 -33.71
N ALA A 258 6.93 -15.26 -32.84
CA ALA A 258 5.71 -15.78 -32.24
C ALA A 258 5.16 -14.79 -31.21
N GLN A 259 3.85 -14.65 -31.18
CA GLN A 259 3.19 -13.77 -30.23
C GLN A 259 2.58 -14.57 -29.08
N VAL A 260 2.46 -13.94 -27.91
CA VAL A 260 1.68 -14.49 -26.81
C VAL A 260 0.21 -14.13 -27.05
N LYS A 261 -0.64 -15.16 -27.15
CA LYS A 261 -2.05 -14.95 -27.51
C LYS A 261 -3.02 -15.24 -26.37
N VAL A 262 -2.53 -15.10 -25.15
CA VAL A 262 -3.32 -15.29 -23.95
C VAL A 262 -3.66 -13.89 -23.40
N PRO A 263 -4.93 -13.67 -23.00
CA PRO A 263 -5.29 -12.40 -22.36
C PRO A 263 -4.41 -12.17 -21.15
N THR A 264 -3.79 -10.98 -21.07
CA THR A 264 -2.75 -10.70 -20.07
C THR A 264 -2.90 -9.35 -19.36
N LYS A 265 -2.63 -9.36 -18.06
CA LYS A 265 -2.48 -8.15 -17.26
C LYS A 265 -1.05 -8.12 -16.69
N PHE A 266 -0.36 -6.99 -16.91
CA PHE A 266 1.00 -6.80 -16.41
C PHE A 266 1.07 -5.68 -15.36
N ILE A 267 1.73 -5.98 -14.24
CA ILE A 267 1.82 -5.07 -13.08
C ILE A 267 3.26 -5.01 -12.59
N VAL A 268 3.76 -3.80 -12.37
CA VAL A 268 5.14 -3.61 -11.91
C VAL A 268 5.25 -2.48 -10.86
N GLY A 269 6.13 -2.65 -9.87
CA GLY A 269 6.42 -1.58 -8.93
C GLY A 269 7.28 -0.48 -9.56
N GLU A 270 7.00 0.77 -9.21
CA GLU A 270 7.75 1.95 -9.70
C GLU A 270 9.27 1.81 -9.62
N PHE A 271 9.77 1.25 -8.54
CA PHE A 271 11.21 1.18 -8.28
C PHE A 271 11.84 -0.18 -8.57
N ASP A 272 11.09 -1.05 -9.24
CA ASP A 272 11.59 -2.37 -9.63
C ASP A 272 12.77 -2.21 -10.59
N LEU A 273 13.92 -2.80 -10.24
CA LEU A 273 15.14 -2.74 -11.05
C LEU A 273 14.94 -3.24 -12.48
N VAL A 274 14.06 -4.23 -12.66
CA VAL A 274 13.75 -4.79 -13.98
C VAL A 274 13.09 -3.74 -14.88
N TYR A 275 12.24 -2.91 -14.28
CA TYR A 275 11.52 -1.85 -14.97
C TYR A 275 12.47 -0.75 -15.46
N HIS A 276 13.66 -0.71 -14.86
CA HIS A 276 14.66 0.32 -15.15
C HIS A 276 15.80 -0.13 -16.07
N ILE A 277 15.71 -1.35 -16.60
CA ILE A 277 16.63 -1.80 -17.64
C ILE A 277 16.48 -0.85 -18.84
N PRO A 278 17.60 -0.32 -19.38
CA PRO A 278 17.52 0.62 -20.51
C PRO A 278 16.65 0.08 -21.66
N GLY A 279 15.65 0.85 -22.04
CA GLY A 279 14.76 0.48 -23.14
C GLY A 279 13.53 -0.29 -22.71
N ALA A 280 13.49 -0.71 -21.45
CA ALA A 280 12.37 -1.49 -20.91
C ALA A 280 11.07 -0.68 -20.90
N LYS A 281 11.12 0.52 -20.35
CA LYS A 281 9.95 1.40 -20.28
C LYS A 281 9.38 1.74 -21.66
N GLU A 282 10.26 1.91 -22.64
CA GLU A 282 9.86 2.19 -24.02
C GLU A 282 9.13 1.00 -24.62
N TYR A 283 9.71 -0.18 -24.46
CA TYR A 283 9.10 -1.42 -24.94
C TYR A 283 7.71 -1.59 -24.34
N ILE A 284 7.61 -1.41 -23.02
CA ILE A 284 6.39 -1.63 -22.26
C ILE A 284 5.26 -0.65 -22.64
N HIS A 285 5.60 0.62 -22.75
CA HIS A 285 4.58 1.67 -22.89
C HIS A 285 4.27 2.12 -24.32
N ASN A 286 5.21 1.95 -25.24
CA ASN A 286 5.09 2.55 -26.58
C ASN A 286 4.69 1.64 -27.74
N GLY A 287 4.37 0.38 -27.45
CA GLY A 287 3.77 -0.48 -28.46
C GLY A 287 4.41 -1.84 -28.69
N GLY A 288 5.71 -1.93 -28.41
CA GLY A 288 6.47 -3.17 -28.58
C GLY A 288 5.90 -4.32 -27.78
N PHE A 289 5.52 -4.04 -26.53
CA PHE A 289 4.96 -5.03 -25.61
C PHE A 289 3.63 -5.56 -26.16
N LYS A 290 2.76 -4.63 -26.56
CA LYS A 290 1.45 -4.96 -27.13
C LYS A 290 1.54 -5.74 -28.46
N LYS A 291 2.61 -5.52 -29.21
CA LYS A 291 2.82 -6.22 -30.49
C LYS A 291 3.19 -7.70 -30.29
N ASP A 292 3.98 -7.97 -29.25
CA ASP A 292 4.33 -9.34 -28.87
C ASP A 292 3.21 -10.02 -28.10
N VAL A 293 2.41 -9.21 -27.41
CA VAL A 293 1.35 -9.69 -26.54
C VAL A 293 0.04 -8.97 -26.90
N PRO A 294 -0.61 -9.37 -28.03
CA PRO A 294 -1.79 -8.64 -28.55
C PRO A 294 -3.02 -8.56 -27.65
N LEU A 295 -3.15 -9.48 -26.70
CA LEU A 295 -4.28 -9.46 -25.77
C LEU A 295 -3.88 -8.86 -24.41
N LEU A 296 -2.79 -8.08 -24.43
CA LEU A 296 -2.35 -7.33 -23.27
C LEU A 296 -3.33 -6.21 -22.96
N GLU A 297 -3.92 -6.31 -21.78
CA GLU A 297 -4.78 -5.28 -21.21
C GLU A 297 -3.87 -4.14 -20.70
N GLU A 298 -4.49 -3.07 -20.22
CA GLU A 298 -3.75 -1.90 -19.73
C GLU A 298 -2.71 -2.22 -18.65
N VAL A 299 -1.48 -1.75 -18.88
CA VAL A 299 -0.32 -1.95 -18.00
C VAL A 299 -0.47 -1.15 -16.70
N VAL A 300 -0.18 -1.78 -15.56
CA VAL A 300 -0.33 -1.14 -14.25
C VAL A 300 1.02 -0.94 -13.59
N VAL A 301 1.32 0.32 -13.24
CA VAL A 301 2.53 0.66 -12.48
C VAL A 301 2.12 1.08 -11.07
N LEU A 302 2.70 0.42 -10.07
CA LEU A 302 2.36 0.71 -8.69
C LEU A 302 3.29 1.79 -8.13
N GLU A 303 2.72 2.96 -7.87
CA GLU A 303 3.45 4.11 -7.38
C GLU A 303 4.05 3.81 -6.02
N GLY A 304 5.31 4.20 -5.83
CA GLY A 304 5.97 4.12 -4.53
C GLY A 304 6.34 2.73 -4.04
N ALA A 305 6.16 1.73 -4.91
CA ALA A 305 6.48 0.34 -4.58
C ALA A 305 7.69 -0.18 -5.37
N ALA A 306 8.37 -1.17 -4.81
CA ALA A 306 9.57 -1.75 -5.41
C ALA A 306 9.27 -3.12 -6.03
N HIS A 307 10.25 -4.03 -6.02
CA HIS A 307 10.16 -5.32 -6.73
C HIS A 307 9.08 -6.28 -6.20
N PHE A 308 9.02 -6.45 -4.88
CA PHE A 308 8.22 -7.51 -4.25
C PHE A 308 6.79 -7.06 -3.94
N VAL A 309 6.04 -6.74 -5.00
CA VAL A 309 4.72 -6.13 -4.86
C VAL A 309 3.63 -7.01 -4.22
N SER A 310 3.73 -8.33 -4.37
CA SER A 310 2.72 -9.20 -3.77
C SER A 310 2.77 -9.13 -2.24
N GLN A 311 3.95 -8.83 -1.70
CA GLN A 311 4.16 -8.73 -0.25
C GLN A 311 4.13 -7.28 0.26
N GLU A 312 4.61 -6.36 -0.57
CA GLU A 312 4.66 -4.93 -0.21
C GLU A 312 3.30 -4.27 -0.33
N ARG A 313 2.60 -4.56 -1.42
CA ARG A 313 1.28 -4.01 -1.65
C ARG A 313 0.26 -5.16 -1.86
N PRO A 314 0.02 -5.97 -0.80
CA PRO A 314 -0.80 -7.17 -1.00
C PRO A 314 -2.24 -6.88 -1.42
N HIS A 315 -2.86 -5.84 -0.86
CA HIS A 315 -4.24 -5.55 -1.20
C HIS A 315 -4.39 -5.17 -2.67
N GLU A 316 -3.49 -4.31 -3.14
CA GLU A 316 -3.54 -3.83 -4.51
C GLU A 316 -3.35 -4.99 -5.50
N ILE A 317 -2.37 -5.84 -5.24
CA ILE A 317 -2.09 -7.00 -6.11
C ILE A 317 -3.25 -8.01 -6.09
N SER A 318 -3.70 -8.39 -4.89
CA SER A 318 -4.83 -9.31 -4.74
C SER A 318 -6.09 -8.84 -5.47
N LYS A 319 -6.46 -7.57 -5.29
CA LYS A 319 -7.64 -7.01 -5.94
C LYS A 319 -7.47 -6.90 -7.47
N HIS A 320 -6.27 -6.60 -7.93
CA HIS A 320 -5.98 -6.56 -9.36
C HIS A 320 -6.11 -7.93 -10.01
N ILE A 321 -5.75 -8.97 -9.27
CA ILE A 321 -5.89 -10.35 -9.74
C ILE A 321 -7.38 -10.73 -9.83
N TYR A 322 -8.09 -10.55 -8.71
CA TYR A 322 -9.54 -10.83 -8.62
C TYR A 322 -10.33 -10.11 -9.71
N ASP A 323 -10.13 -8.80 -9.85
CA ASP A 323 -10.84 -8.01 -10.85
C ASP A 323 -10.59 -8.47 -12.29
N PHE A 324 -9.36 -8.91 -12.56
CA PHE A 324 -9.00 -9.37 -13.88
C PHE A 324 -9.64 -10.71 -14.25
N ILE A 325 -9.50 -11.69 -13.36
CA ILE A 325 -10.00 -13.04 -13.63
C ILE A 325 -11.53 -13.11 -13.63
N GLN A 326 -12.16 -12.19 -12.89
CA GLN A 326 -13.64 -12.08 -12.85
C GLN A 326 -14.24 -11.71 -14.21
N LYS A 327 -13.42 -11.11 -15.07
CA LYS A 327 -13.82 -10.75 -16.43
C LYS A 327 -14.07 -11.97 -17.32
N PHE A 328 -13.62 -13.15 -16.89
CA PHE A 328 -13.70 -14.36 -17.71
C PHE A 328 -14.71 -15.36 -17.19
N LYS B 10 -14.04 20.76 35.05
CA LYS B 10 -15.33 20.75 34.30
C LYS B 10 -15.18 21.37 32.91
N ILE B 11 -15.39 20.56 31.87
CA ILE B 11 -15.36 21.02 30.48
C ILE B 11 -16.53 21.95 30.20
N GLU B 12 -16.24 23.17 29.76
CA GLU B 12 -17.28 24.15 29.44
C GLU B 12 -17.62 24.23 27.95
N HIS B 13 -18.91 24.26 27.66
CA HIS B 13 -19.39 24.29 26.27
C HIS B 13 -19.91 25.67 25.91
N LYS B 14 -19.60 26.10 24.69
CA LYS B 14 -19.95 27.44 24.22
C LYS B 14 -20.53 27.41 22.81
N MET B 15 -21.31 28.45 22.49
CA MET B 15 -21.77 28.67 21.13
C MET B 15 -21.21 30.00 20.62
N VAL B 16 -20.27 29.91 19.67
CA VAL B 16 -19.54 31.07 19.18
C VAL B 16 -19.94 31.38 17.73
N ALA B 17 -20.12 32.68 17.42
CA ALA B 17 -20.32 33.11 16.05
C ALA B 17 -18.98 33.01 15.31
N VAL B 18 -18.91 32.12 14.33
CA VAL B 18 -17.67 31.84 13.60
C VAL B 18 -17.91 31.74 12.10
N ASN B 19 -17.42 32.74 11.36
CA ASN B 19 -17.48 32.72 9.89
C ASN B 19 -18.86 32.41 9.32
N GLY B 20 -19.89 33.04 9.90
CA GLY B 20 -21.26 32.81 9.47
C GLY B 20 -21.88 31.52 9.98
N LEU B 21 -21.20 30.85 10.91
CA LEU B 21 -21.73 29.64 11.52
C LEU B 21 -21.99 29.86 13.00
N ASN B 22 -22.93 29.07 13.53
CA ASN B 22 -23.09 28.91 14.96
C ASN B 22 -22.29 27.71 15.43
N MET B 23 -21.07 27.96 15.88
CA MET B 23 -20.11 26.90 16.16
C MET B 23 -20.09 26.48 17.61
N HIS B 24 -20.17 25.16 17.83
CA HIS B 24 -20.05 24.59 19.16
C HIS B 24 -18.59 24.33 19.53
N LEU B 25 -18.21 24.84 20.71
CA LEU B 25 -16.85 24.78 21.20
C LEU B 25 -16.80 24.16 22.60
N ALA B 26 -15.81 23.30 22.84
CA ALA B 26 -15.53 22.78 24.19
C ALA B 26 -14.18 23.29 24.70
N GLU B 27 -14.13 23.65 25.98
CA GLU B 27 -12.92 24.19 26.64
C GLU B 27 -12.57 23.47 27.95
N LEU B 28 -11.28 23.40 28.25
CA LEU B 28 -10.78 22.90 29.54
C LEU B 28 -9.36 23.42 29.82
N GLY B 29 -9.17 24.03 30.99
CA GLY B 29 -7.86 24.53 31.41
C GLY B 29 -7.63 26.02 31.15
N GLU B 30 -6.53 26.52 31.71
CA GLU B 30 -6.11 27.90 31.55
C GLU B 30 -4.65 27.93 31.14
N GLY B 31 -4.29 28.90 30.30
CA GLY B 31 -2.89 29.06 29.86
C GLY B 31 -2.81 29.32 28.37
N PRO B 32 -1.65 28.99 27.76
CA PRO B 32 -1.51 29.08 26.30
C PRO B 32 -2.51 28.16 25.59
N THR B 33 -3.15 28.69 24.55
CA THR B 33 -4.20 27.99 23.82
C THR B 33 -3.64 26.89 22.90
N ILE B 34 -4.24 25.70 22.99
CA ILE B 34 -4.02 24.66 22.00
C ILE B 34 -5.36 24.39 21.32
N LEU B 35 -5.40 24.58 19.99
CA LEU B 35 -6.60 24.29 19.20
C LEU B 35 -6.55 22.87 18.66
N PHE B 36 -7.61 22.11 18.95
CA PHE B 36 -7.74 20.70 18.52
C PHE B 36 -8.77 20.57 17.40
N ILE B 37 -8.35 20.00 16.26
CA ILE B 37 -9.22 19.91 15.08
C ILE B 37 -9.44 18.43 14.67
N HIS B 38 -10.68 17.97 14.83
CA HIS B 38 -11.04 16.56 14.63
C HIS B 38 -11.19 16.19 13.15
N GLY B 39 -11.32 14.89 12.87
CA GLY B 39 -11.51 14.40 11.51
C GLY B 39 -12.85 13.73 11.24
N PHE B 40 -12.87 12.87 10.22
CA PHE B 40 -14.08 12.17 9.75
C PHE B 40 -14.16 10.72 10.27
N PRO B 41 -15.33 10.30 10.75
CA PRO B 41 -16.55 11.02 11.08
C PRO B 41 -16.61 11.27 12.61
N GLU B 42 -15.94 12.31 13.07
CA GLU B 42 -15.75 12.49 14.50
C GLU B 42 -16.38 13.77 15.04
N LEU B 43 -15.99 14.17 16.25
CA LEU B 43 -16.53 15.34 16.95
C LEU B 43 -15.45 15.93 17.85
N TRP B 44 -15.76 17.05 18.51
CA TRP B 44 -14.88 17.63 19.53
C TRP B 44 -14.45 16.55 20.51
N TYR B 45 -15.37 15.62 20.73
CA TYR B 45 -15.32 14.62 21.78
C TYR B 45 -14.18 13.63 21.62
N SER B 46 -13.60 13.57 20.41
CA SER B 46 -12.43 12.73 20.14
C SER B 46 -11.17 13.20 20.86
N TRP B 47 -11.14 14.46 21.30
CA TRP B 47 -9.97 15.02 21.97
C TRP B 47 -10.06 14.94 23.49
N ARG B 48 -11.13 14.31 23.98
CA ARG B 48 -11.45 14.22 25.42
C ARG B 48 -10.26 13.91 26.35
N HIS B 49 -9.45 12.91 25.99
CA HIS B 49 -8.30 12.53 26.83
C HIS B 49 -7.20 13.59 26.81
N GLN B 50 -6.89 14.12 25.63
CA GLN B 50 -5.85 15.15 25.46
C GLN B 50 -6.23 16.45 26.15
N MET B 51 -7.52 16.79 26.11
CA MET B 51 -8.03 17.96 26.82
C MET B 51 -7.74 17.90 28.31
N VAL B 52 -7.97 16.73 28.91
CA VAL B 52 -7.71 16.52 30.34
C VAL B 52 -6.20 16.56 30.63
N TYR B 53 -5.42 15.83 29.83
CA TYR B 53 -3.96 15.73 30.01
C TYR B 53 -3.24 17.08 29.93
N LEU B 54 -3.56 17.85 28.89
CA LEU B 54 -2.91 19.14 28.66
C LEU B 54 -3.47 20.24 29.57
N ALA B 55 -4.72 20.10 30.01
CA ALA B 55 -5.31 21.06 30.95
C ALA B 55 -4.70 20.94 32.35
N GLU B 56 -4.47 19.70 32.80
CA GLU B 56 -3.81 19.43 34.07
C GLU B 56 -2.38 19.95 34.06
N ARG B 57 -1.83 20.12 32.86
CA ARG B 57 -0.44 20.56 32.66
C ARG B 57 -0.28 22.02 32.19
N GLY B 58 -1.26 22.86 32.49
CA GLY B 58 -1.12 24.31 32.33
C GLY B 58 -1.39 24.89 30.96
N TYR B 59 -2.25 24.23 30.18
CA TYR B 59 -2.68 24.76 28.90
C TYR B 59 -4.20 24.87 28.81
N ARG B 60 -4.67 25.73 27.90
CA ARG B 60 -6.09 25.88 27.61
C ARG B 60 -6.47 25.05 26.36
N ALA B 61 -7.13 23.92 26.60
CA ALA B 61 -7.57 23.06 25.51
C ALA B 61 -8.89 23.56 24.89
N VAL B 62 -8.87 23.80 23.59
CA VAL B 62 -10.08 24.22 22.85
C VAL B 62 -10.34 23.28 21.67
N ALA B 63 -11.56 22.74 21.60
CA ALA B 63 -11.95 21.82 20.53
C ALA B 63 -13.39 22.08 20.04
N PRO B 64 -13.53 22.61 18.81
CA PRO B 64 -14.85 22.81 18.23
C PRO B 64 -15.43 21.58 17.54
N ASP B 65 -16.74 21.61 17.32
CA ASP B 65 -17.37 20.82 16.27
C ASP B 65 -17.21 21.60 14.97
N LEU B 66 -16.63 20.95 13.96
CA LEU B 66 -16.39 21.60 12.68
C LEU B 66 -17.67 21.81 11.88
N ARG B 67 -17.58 22.62 10.82
CA ARG B 67 -18.68 22.84 9.87
C ARG B 67 -19.33 21.52 9.43
N GLY B 68 -20.66 21.46 9.54
CA GLY B 68 -21.43 20.29 9.15
C GLY B 68 -21.43 19.12 10.13
N TYR B 69 -20.83 19.34 11.31
CA TYR B 69 -20.71 18.33 12.36
C TYR B 69 -21.37 18.75 13.65
N GLY B 70 -21.92 17.78 14.36
CA GLY B 70 -22.36 17.93 15.75
C GLY B 70 -23.34 19.08 15.94
N ASP B 71 -23.02 19.94 16.90
CA ASP B 71 -23.89 21.07 17.25
C ASP B 71 -23.49 22.39 16.59
N THR B 72 -22.63 22.29 15.58
CA THR B 72 -22.29 23.44 14.75
C THR B 72 -23.24 23.51 13.56
N THR B 73 -23.91 24.65 13.40
CA THR B 73 -24.95 24.82 12.38
C THR B 73 -24.68 26.00 11.44
N GLY B 74 -25.41 26.06 10.34
CA GLY B 74 -25.37 27.23 9.46
C GLY B 74 -24.84 26.99 8.06
N ALA B 75 -24.30 25.80 7.82
CA ALA B 75 -23.79 25.45 6.50
C ALA B 75 -24.84 24.66 5.72
N PRO B 76 -25.12 25.07 4.46
CA PRO B 76 -26.14 24.41 3.61
C PRO B 76 -25.76 22.99 3.16
N LEU B 77 -26.41 21.99 3.74
CA LEU B 77 -26.12 20.59 3.45
C LEU B 77 -26.28 20.21 1.99
N ASN B 78 -27.19 20.90 1.28
CA ASN B 78 -27.44 20.66 -0.14
C ASN B 78 -26.41 21.31 -1.08
N ASP B 79 -25.42 22.00 -0.53
CA ASP B 79 -24.38 22.64 -1.35
C ASP B 79 -22.96 22.29 -0.89
N PRO B 80 -22.38 21.22 -1.46
CA PRO B 80 -21.02 20.75 -1.13
C PRO B 80 -19.92 21.77 -1.42
N SER B 81 -20.14 22.71 -2.34
CA SER B 81 -19.17 23.76 -2.63
C SER B 81 -18.87 24.65 -1.41
N LYS B 82 -19.76 24.64 -0.43
CA LYS B 82 -19.59 25.41 0.81
C LYS B 82 -18.80 24.64 1.87
N PHE B 83 -18.24 23.50 1.47
CA PHE B 83 -17.44 22.68 2.36
C PHE B 83 -16.00 22.54 1.84
N SER B 84 -15.58 23.50 1.02
CA SER B 84 -14.23 23.54 0.46
C SER B 84 -13.19 23.82 1.53
N ILE B 85 -11.94 23.50 1.21
CA ILE B 85 -10.81 23.72 2.12
C ILE B 85 -10.67 25.21 2.53
N LEU B 86 -11.07 26.12 1.64
CA LEU B 86 -11.03 27.57 1.92
C LEU B 86 -12.12 27.99 2.91
N HIS B 87 -13.31 27.41 2.77
CA HIS B 87 -14.39 27.61 3.75
C HIS B 87 -13.96 27.09 5.11
N LEU B 88 -13.32 25.92 5.11
CA LEU B 88 -12.88 25.27 6.34
C LEU B 88 -11.75 26.01 7.06
N VAL B 89 -10.74 26.48 6.30
CA VAL B 89 -9.67 27.29 6.90
C VAL B 89 -10.24 28.64 7.37
N GLY B 90 -11.23 29.16 6.64
CA GLY B 90 -11.94 30.37 7.03
C GLY B 90 -12.54 30.27 8.42
N ASP B 91 -13.19 29.14 8.69
CA ASP B 91 -13.80 28.87 10.00
C ASP B 91 -12.75 28.93 11.10
N VAL B 92 -11.62 28.26 10.87
CA VAL B 92 -10.57 28.15 11.86
C VAL B 92 -9.95 29.51 12.21
N VAL B 93 -9.68 30.31 11.18
CA VAL B 93 -9.12 31.66 11.34
C VAL B 93 -10.09 32.54 12.15
N ALA B 94 -11.37 32.51 11.78
CA ALA B 94 -12.42 33.26 12.48
C ALA B 94 -12.57 32.83 13.94
N LEU B 95 -12.52 31.52 14.19
CA LEU B 95 -12.64 30.98 15.53
C LEU B 95 -11.55 31.53 16.44
N LEU B 96 -10.32 31.54 15.92
CA LEU B 96 -9.16 32.01 16.67
C LEU B 96 -9.27 33.49 17.05
N GLU B 97 -9.80 34.30 16.13
CA GLU B 97 -10.04 35.72 16.41
C GLU B 97 -11.11 35.90 17.48
N ALA B 98 -12.12 35.03 17.47
CA ALA B 98 -13.21 35.08 18.43
C ALA B 98 -12.79 34.67 19.85
N ILE B 99 -12.03 33.58 19.95
CA ILE B 99 -11.73 32.98 21.26
C ILE B 99 -10.31 33.21 21.78
N ALA B 100 -9.43 33.73 20.93
CA ALA B 100 -8.06 34.04 21.33
C ALA B 100 -7.48 35.29 20.62
N PRO B 101 -8.17 36.44 20.68
CA PRO B 101 -7.72 37.62 19.94
C PRO B 101 -6.38 38.19 20.42
N ASN B 102 -6.12 38.08 21.73
CA ASN B 102 -4.89 38.62 22.32
C ASN B 102 -3.73 37.61 22.30
N GLU B 103 -3.84 36.62 21.42
CA GLU B 103 -2.81 35.61 21.24
C GLU B 103 -2.38 35.58 19.78
N GLU B 104 -1.20 36.14 19.49
CA GLU B 104 -0.66 36.24 18.13
C GLU B 104 -0.57 34.86 17.44
N LYS B 105 -0.03 33.89 18.18
CA LYS B 105 0.12 32.52 17.68
C LYS B 105 -0.41 31.52 18.71
N VAL B 106 -0.93 30.40 18.21
CA VAL B 106 -1.41 29.31 19.06
C VAL B 106 -0.80 27.97 18.65
N PHE B 107 -0.93 26.97 19.51
CA PHE B 107 -0.59 25.59 19.14
C PHE B 107 -1.79 24.95 18.48
N VAL B 108 -1.54 24.12 17.48
CA VAL B 108 -2.60 23.41 16.75
C VAL B 108 -2.27 21.91 16.76
N VAL B 109 -3.23 21.12 17.24
CA VAL B 109 -3.17 19.66 17.15
C VAL B 109 -4.36 19.24 16.28
N ALA B 110 -4.10 18.42 15.27
CA ALA B 110 -5.12 18.04 14.30
C ALA B 110 -5.04 16.59 13.80
N HIS B 111 -6.20 16.03 13.44
CA HIS B 111 -6.31 14.63 13.01
C HIS B 111 -7.18 14.48 11.76
N ASP B 112 -6.71 13.66 10.80
CA ASP B 112 -7.48 13.27 9.60
C ASP B 112 -7.87 14.47 8.72
N TRP B 113 -9.17 14.65 8.41
CA TRP B 113 -9.62 15.87 7.72
C TRP B 113 -9.22 17.15 8.47
N GLY B 114 -9.15 17.08 9.79
CA GLY B 114 -8.63 18.18 10.61
C GLY B 114 -7.17 18.51 10.30
N ALA B 115 -6.36 17.47 10.10
CA ALA B 115 -4.95 17.63 9.74
C ALA B 115 -4.82 18.29 8.36
N LEU B 116 -5.67 17.88 7.43
CA LEU B 116 -5.73 18.50 6.10
C LEU B 116 -6.04 20.00 6.22
N ILE B 117 -7.00 20.35 7.07
CA ILE B 117 -7.31 21.76 7.36
C ILE B 117 -6.08 22.46 7.95
N ALA B 118 -5.44 21.81 8.92
CA ALA B 118 -4.25 22.38 9.57
C ALA B 118 -3.05 22.60 8.64
N TRP B 119 -2.82 21.71 7.67
CA TRP B 119 -1.78 21.92 6.66
C TRP B 119 -1.98 23.23 5.91
N HIS B 120 -3.21 23.44 5.43
CA HIS B 120 -3.56 24.64 4.65
C HIS B 120 -3.61 25.90 5.50
N LEU B 121 -3.99 25.75 6.78
CA LEU B 121 -3.95 26.87 7.72
C LEU B 121 -2.52 27.38 7.90
N CYS B 122 -1.59 26.44 8.06
CA CYS B 122 -0.16 26.74 8.19
C CYS B 122 0.42 27.30 6.90
N LEU B 123 -0.07 26.80 5.77
CA LEU B 123 0.27 27.30 4.43
C LEU B 123 -0.21 28.74 4.21
N PHE B 124 -1.49 28.99 4.49
CA PHE B 124 -2.11 30.30 4.23
C PHE B 124 -1.75 31.34 5.29
N ARG B 125 -1.77 30.92 6.56
CA ARG B 125 -1.51 31.84 7.68
C ARG B 125 -0.50 31.31 8.70
N PRO B 126 0.80 31.24 8.34
CA PRO B 126 1.81 30.79 9.31
C PRO B 126 1.97 31.76 10.49
N ASP B 127 1.47 32.98 10.31
CA ASP B 127 1.51 34.00 11.35
C ASP B 127 0.62 33.66 12.56
N LYS B 128 -0.27 32.68 12.38
CA LYS B 128 -1.22 32.29 13.43
C LYS B 128 -0.83 31.03 14.22
N VAL B 129 0.21 30.34 13.77
CA VAL B 129 0.56 29.05 14.37
C VAL B 129 1.99 29.02 14.88
N LYS B 130 2.17 28.69 16.17
CA LYS B 130 3.50 28.57 16.74
C LYS B 130 4.14 27.24 16.35
N ALA B 131 3.41 26.15 16.59
CA ALA B 131 3.86 24.80 16.24
C ALA B 131 2.65 23.90 15.99
N LEU B 132 2.86 22.85 15.18
CA LEU B 132 1.80 21.95 14.77
C LEU B 132 2.11 20.49 15.11
N VAL B 133 1.11 19.78 15.63
CA VAL B 133 1.13 18.33 15.71
C VAL B 133 0.02 17.79 14.82
N ASN B 134 0.39 17.13 13.73
CA ASN B 134 -0.58 16.50 12.84
C ASN B 134 -0.61 14.98 12.96
N LEU B 135 -1.83 14.45 13.00
CA LEU B 135 -2.05 13.01 13.17
C LEU B 135 -2.69 12.41 11.93
N SER B 136 -2.17 11.24 11.53
CA SER B 136 -2.74 10.41 10.44
C SER B 136 -2.42 10.92 9.02
N VAL B 137 -2.87 12.14 8.72
CA VAL B 137 -2.81 12.65 7.35
C VAL B 137 -1.56 13.50 7.15
N HIS B 138 -0.65 12.97 6.32
CA HIS B 138 0.59 13.65 5.94
C HIS B 138 0.26 14.74 4.93
N PHE B 139 1.20 15.64 4.69
CA PHE B 139 1.02 16.68 3.68
C PHE B 139 0.71 16.03 2.33
N SER B 140 -0.43 16.38 1.74
CA SER B 140 -0.78 15.81 0.44
C SER B 140 -0.45 16.80 -0.63
N LYS B 141 0.66 16.58 -1.32
CA LYS B 141 1.12 17.50 -2.36
C LYS B 141 0.14 17.46 -3.54
N ARG B 142 -0.16 18.64 -4.07
CA ARG B 142 -1.10 18.78 -5.19
C ARG B 142 -0.53 18.18 -6.47
N ASN B 143 -1.21 17.16 -7.01
CA ASN B 143 -0.84 16.56 -8.28
C ASN B 143 -1.32 17.41 -9.45
N PRO B 144 -0.37 17.95 -10.26
CA PRO B 144 -0.75 18.86 -11.35
C PRO B 144 -1.53 18.21 -12.48
N LYS B 145 -1.67 16.88 -12.46
CA LYS B 145 -2.38 16.15 -13.51
C LYS B 145 -3.83 15.85 -13.21
N MET B 146 -4.15 15.61 -11.94
CA MET B 146 -5.49 15.17 -11.54
C MET B 146 -5.80 15.50 -10.08
N ASN B 147 -7.10 15.57 -9.75
CA ASN B 147 -7.53 15.73 -8.36
C ASN B 147 -7.52 14.38 -7.64
N VAL B 148 -7.66 14.43 -6.31
CA VAL B 148 -7.53 13.25 -5.45
C VAL B 148 -8.56 12.17 -5.78
N VAL B 149 -9.80 12.60 -6.04
CA VAL B 149 -10.90 11.68 -6.36
C VAL B 149 -10.60 10.88 -7.62
N GLU B 150 -10.22 11.59 -8.69
CA GLU B 150 -9.92 10.95 -9.98
C GLU B 150 -8.72 10.01 -9.88
N GLY B 151 -7.72 10.43 -9.11
CA GLY B 151 -6.54 9.59 -8.85
C GLY B 151 -6.88 8.27 -8.17
N LEU B 152 -7.67 8.33 -7.10
CA LEU B 152 -8.02 7.12 -6.33
C LEU B 152 -9.03 6.22 -7.04
N LYS B 153 -9.97 6.82 -7.77
CA LYS B 153 -10.94 6.07 -8.59
C LYS B 153 -10.24 5.28 -9.71
N ALA B 154 -9.16 5.84 -10.25
CA ALA B 154 -8.39 5.19 -11.31
C ALA B 154 -7.67 3.94 -10.81
N ILE B 155 -7.32 3.95 -9.54
CA ILE B 155 -6.60 2.85 -8.90
C ILE B 155 -7.54 1.80 -8.31
N TYR B 156 -8.57 2.23 -7.59
CA TYR B 156 -9.37 1.32 -6.77
C TYR B 156 -10.77 1.01 -7.31
N GLY B 157 -11.22 1.82 -8.27
CA GLY B 157 -12.53 1.58 -8.91
C GLY B 157 -13.68 2.34 -8.28
N GLU B 158 -14.89 2.08 -8.77
CA GLU B 158 -16.05 2.89 -8.41
C GLU B 158 -16.60 2.65 -7.01
N ASP B 159 -16.23 1.51 -6.41
CA ASP B 159 -16.71 1.17 -5.07
C ASP B 159 -15.87 1.77 -3.93
N HIS B 160 -14.71 2.35 -4.27
CA HIS B 160 -13.87 3.05 -3.31
C HIS B 160 -14.67 4.17 -2.64
N TYR B 161 -14.58 4.24 -1.32
CA TYR B 161 -15.44 5.13 -0.53
C TYR B 161 -15.47 6.58 -1.02
N ILE B 162 -14.33 7.11 -1.45
CA ILE B 162 -14.26 8.51 -1.92
C ILE B 162 -15.05 8.74 -3.22
N SER B 163 -15.09 7.74 -4.10
CA SER B 163 -15.92 7.80 -5.31
C SER B 163 -17.41 7.67 -5.00
N ARG B 164 -17.77 6.69 -4.17
CA ARG B 164 -19.15 6.48 -3.73
C ARG B 164 -19.74 7.65 -2.94
N PHE B 165 -18.87 8.43 -2.28
CA PHE B 165 -19.27 9.61 -1.51
C PHE B 165 -19.64 10.80 -2.40
N GLN B 166 -19.34 10.73 -3.70
CA GLN B 166 -19.41 11.89 -4.61
C GLN B 166 -20.81 12.39 -4.97
N VAL B 167 -21.67 11.49 -5.45
CA VAL B 167 -23.02 11.88 -5.90
C VAL B 167 -23.95 12.13 -4.71
N PRO B 168 -24.49 13.37 -4.59
CA PRO B 168 -25.31 13.74 -3.44
C PRO B 168 -26.50 12.78 -3.24
N GLY B 169 -26.73 12.39 -1.99
CA GLY B 169 -27.84 11.52 -1.62
C GLY B 169 -27.55 10.03 -1.64
N GLU B 170 -26.57 9.61 -2.43
CA GLU B 170 -26.32 8.17 -2.65
C GLU B 170 -25.85 7.42 -1.41
N ILE B 171 -24.77 7.88 -0.78
CA ILE B 171 -24.26 7.25 0.44
C ILE B 171 -25.20 7.46 1.64
N GLU B 172 -25.93 8.59 1.65
CA GLU B 172 -26.93 8.84 2.67
C GLU B 172 -28.04 7.78 2.61
N ALA B 173 -28.45 7.43 1.39
CA ALA B 173 -29.47 6.42 1.16
C ALA B 173 -28.99 5.02 1.56
N GLU B 174 -27.70 4.76 1.34
CA GLU B 174 -27.08 3.50 1.75
C GLU B 174 -27.04 3.36 3.27
N PHE B 175 -26.71 4.45 3.96
CA PHE B 175 -26.62 4.43 5.43
C PHE B 175 -27.97 4.44 6.13
N ALA B 176 -28.98 5.03 5.47
CA ALA B 176 -30.30 5.26 6.09
C ALA B 176 -30.92 4.05 6.81
N PRO B 177 -31.08 2.90 6.11
CA PRO B 177 -31.62 1.72 6.79
C PRO B 177 -30.72 1.14 7.90
N ILE B 178 -29.43 1.44 7.82
CA ILE B 178 -28.43 0.92 8.78
C ILE B 178 -28.40 1.74 10.08
N GLY B 179 -28.58 3.06 9.96
CA GLY B 179 -28.59 3.96 11.13
C GLY B 179 -27.20 4.38 11.57
N ALA B 180 -27.13 5.51 12.28
CA ALA B 180 -25.85 6.13 12.66
C ALA B 180 -24.93 5.25 13.53
N LYS B 181 -25.49 4.61 14.54
CA LYS B 181 -24.70 3.81 15.49
C LYS B 181 -23.88 2.69 14.82
N SER B 182 -24.54 1.91 13.97
CA SER B 182 -23.87 0.78 13.31
C SER B 182 -22.81 1.25 12.33
N VAL B 183 -23.13 2.28 11.55
CA VAL B 183 -22.17 2.91 10.64
C VAL B 183 -20.94 3.39 11.42
N LEU B 184 -21.17 4.16 12.48
CA LEU B 184 -20.08 4.69 13.31
C LEU B 184 -19.28 3.59 14.01
N LYS B 185 -19.96 2.55 14.47
CA LYS B 185 -19.26 1.44 15.12
C LYS B 185 -18.32 0.73 14.16
N LYS B 186 -18.80 0.46 12.94
CA LYS B 186 -17.98 -0.15 11.89
C LYS B 186 -16.73 0.67 11.55
N ILE B 187 -16.90 1.98 11.48
CA ILE B 187 -15.83 2.89 11.07
C ILE B 187 -14.80 3.04 12.18
N LEU B 188 -15.26 3.38 13.38
CA LEU B 188 -14.38 3.64 14.52
C LEU B 188 -13.54 2.44 14.97
N THR B 189 -14.08 1.23 14.79
CA THR B 189 -13.36 0.00 15.18
C THR B 189 -12.53 -0.61 14.04
N TYR B 190 -12.57 0.02 12.87
CA TYR B 190 -11.84 -0.46 11.69
C TYR B 190 -10.33 -0.47 11.91
N ARG B 191 -9.67 -1.52 11.41
CA ARG B 191 -8.23 -1.68 11.65
C ARG B 191 -7.45 -2.19 10.43
N ASP B 192 -8.15 -2.47 9.34
CA ASP B 192 -7.49 -2.98 8.13
C ASP B 192 -6.82 -1.84 7.36
N PRO B 193 -5.60 -2.08 6.82
CA PRO B 193 -4.92 -1.02 6.05
C PRO B 193 -5.54 -0.69 4.68
N ALA B 194 -6.43 -1.55 4.18
CA ALA B 194 -7.09 -1.30 2.88
C ALA B 194 -8.09 -0.14 2.97
N PRO B 195 -8.40 0.52 1.83
CA PRO B 195 -9.49 1.50 1.80
C PRO B 195 -10.88 0.87 2.01
N PHE B 196 -11.83 1.67 2.53
CA PHE B 196 -13.23 1.27 2.65
C PHE B 196 -13.85 1.13 1.27
N TYR B 197 -14.74 0.14 1.12
CA TYR B 197 -15.54 -0.02 -0.09
C TYR B 197 -17.03 0.00 0.25
N PHE B 198 -17.83 0.70 -0.57
CA PHE B 198 -19.29 0.76 -0.36
C PHE B 198 -20.09 0.42 -1.64
N PRO B 199 -20.11 -0.87 -2.03
CA PRO B 199 -20.83 -1.29 -3.23
C PRO B 199 -22.34 -1.02 -3.10
N LYS B 200 -22.96 -0.57 -4.19
CA LYS B 200 -24.39 -0.20 -4.17
C LYS B 200 -25.28 -1.29 -3.57
N GLY B 201 -26.10 -0.90 -2.60
CA GLY B 201 -27.06 -1.80 -1.98
C GLY B 201 -26.46 -2.88 -1.08
N LYS B 202 -25.14 -2.91 -0.99
CA LYS B 202 -24.44 -3.91 -0.16
C LYS B 202 -24.15 -3.45 1.28
N GLY B 203 -24.49 -2.20 1.61
CA GLY B 203 -24.31 -1.68 2.97
C GLY B 203 -22.88 -1.72 3.50
N LEU B 204 -22.70 -2.39 4.64
CA LEU B 204 -21.40 -2.49 5.31
C LEU B 204 -20.72 -3.85 5.15
N GLU B 205 -21.23 -4.67 4.24
CA GLU B 205 -20.76 -6.04 4.02
C GLU B 205 -19.29 -6.16 3.60
N ALA B 206 -18.81 -5.17 2.84
CA ALA B 206 -17.45 -5.19 2.30
C ALA B 206 -16.38 -4.80 3.32
N ILE B 207 -16.80 -4.42 4.53
CA ILE B 207 -15.88 -3.97 5.57
C ILE B 207 -15.66 -5.08 6.60
N PRO B 208 -14.40 -5.49 6.82
CA PRO B 208 -14.06 -6.50 7.83
C PRO B 208 -14.18 -6.01 9.29
N ASP B 209 -14.16 -6.97 10.23
CA ASP B 209 -14.21 -6.66 11.65
C ASP B 209 -12.97 -7.17 12.34
N ALA B 210 -12.38 -6.34 13.19
CA ALA B 210 -11.23 -6.74 13.99
C ALA B 210 -11.77 -7.34 15.30
N PRO B 211 -10.96 -8.18 15.99
CA PRO B 211 -11.33 -8.63 17.34
C PRO B 211 -11.70 -7.46 18.23
N VAL B 212 -12.80 -7.58 18.97
CA VAL B 212 -13.35 -6.45 19.75
C VAL B 212 -12.42 -5.90 20.84
N ALA B 213 -11.52 -6.75 21.34
CA ALA B 213 -10.55 -6.35 22.38
C ALA B 213 -9.56 -5.28 21.88
N LEU B 214 -9.36 -5.23 20.57
CA LEU B 214 -8.53 -4.19 19.95
C LEU B 214 -9.23 -2.82 19.95
N SER B 215 -10.54 -2.82 20.22
CA SER B 215 -11.29 -1.57 20.32
C SER B 215 -11.89 -1.32 21.71
N SER B 216 -11.23 -1.86 22.74
CA SER B 216 -11.68 -1.67 24.12
C SER B 216 -11.53 -0.22 24.59
N TRP B 217 -10.77 0.57 23.82
CA TRP B 217 -10.62 2.00 24.06
C TRP B 217 -11.91 2.78 23.83
N LEU B 218 -12.81 2.20 23.02
CA LEU B 218 -14.12 2.77 22.78
C LEU B 218 -15.16 2.06 23.63
N SER B 219 -15.62 2.74 24.69
CA SER B 219 -16.68 2.21 25.56
C SER B 219 -18.04 2.38 24.89
N GLU B 220 -19.01 1.58 25.34
CA GLU B 220 -20.40 1.66 24.83
C GLU B 220 -20.99 3.06 25.03
N GLU B 221 -20.68 3.68 26.16
CA GLU B 221 -21.08 5.06 26.46
C GLU B 221 -20.49 6.01 25.42
N GLU B 222 -19.20 5.85 25.14
CA GLU B 222 -18.44 6.69 24.21
C GLU B 222 -18.97 6.59 22.78
N LEU B 223 -19.20 5.36 22.31
CA LEU B 223 -19.83 5.13 21.02
C LEU B 223 -21.19 5.79 20.94
N ASP B 224 -21.99 5.64 22.01
CA ASP B 224 -23.33 6.22 22.08
C ASP B 224 -23.33 7.73 21.96
N TYR B 225 -22.28 8.37 22.47
CA TYR B 225 -22.12 9.83 22.35
C TYR B 225 -22.06 10.25 20.89
N TYR B 226 -21.20 9.59 20.11
CA TYR B 226 -21.10 9.80 18.66
C TYR B 226 -22.42 9.46 17.96
N ALA B 227 -22.92 8.25 18.21
CA ALA B 227 -24.17 7.75 17.63
C ALA B 227 -25.36 8.70 17.84
N ASN B 228 -25.53 9.19 19.07
CA ASN B 228 -26.62 10.12 19.39
C ASN B 228 -26.59 11.44 18.61
N LYS B 229 -25.39 11.95 18.34
CA LYS B 229 -25.24 13.20 17.56
C LYS B 229 -25.45 13.01 16.06
N PHE B 230 -24.88 11.94 15.50
CA PHE B 230 -25.01 11.66 14.07
C PHE B 230 -26.42 11.18 13.68
N GLU B 231 -27.16 10.64 14.65
CA GLU B 231 -28.58 10.33 14.46
C GLU B 231 -29.37 11.61 14.23
N GLN B 232 -28.98 12.68 14.92
CA GLN B 232 -29.60 14.00 14.77
C GLN B 232 -29.19 14.71 13.48
N THR B 233 -27.90 14.68 13.18
CA THR B 233 -27.35 15.48 12.08
C THR B 233 -27.42 14.82 10.71
N GLY B 234 -27.34 13.49 10.69
CA GLY B 234 -27.07 12.76 9.47
C GLY B 234 -25.59 12.85 9.14
N PHE B 235 -25.20 12.37 7.96
CA PHE B 235 -23.81 12.31 7.54
C PHE B 235 -23.43 13.28 6.43
N THR B 236 -24.42 13.97 5.87
CA THR B 236 -24.23 14.85 4.72
C THR B 236 -23.14 15.90 4.91
N GLY B 237 -23.16 16.59 6.06
CA GLY B 237 -22.18 17.64 6.35
C GLY B 237 -20.75 17.13 6.28
N ALA B 238 -20.50 16.03 7.01
CA ALA B 238 -19.22 15.32 7.03
C ALA B 238 -18.79 14.82 5.65
N VAL B 239 -19.70 14.15 4.93
CA VAL B 239 -19.40 13.58 3.60
C VAL B 239 -19.14 14.67 2.53
N ASN B 240 -19.77 15.84 2.70
CA ASN B 240 -19.55 16.97 1.81
C ASN B 240 -18.08 17.43 1.71
N TYR B 241 -17.28 17.20 2.75
CA TYR B 241 -15.84 17.51 2.68
C TYR B 241 -15.17 16.78 1.51
N TYR B 242 -15.47 15.49 1.37
CA TYR B 242 -14.96 14.66 0.28
C TYR B 242 -15.54 15.10 -1.08
N ARG B 243 -16.77 15.59 -1.06
CA ARG B 243 -17.43 16.09 -2.28
C ARG B 243 -16.79 17.35 -2.86
N ALA B 244 -16.12 18.11 -2.02
CA ALA B 244 -15.44 19.35 -2.45
C ALA B 244 -14.00 19.12 -2.88
N LEU B 245 -13.52 17.88 -2.79
CA LEU B 245 -12.14 17.59 -3.20
C LEU B 245 -11.78 18.07 -4.63
N PRO B 246 -12.66 17.82 -5.63
CA PRO B 246 -12.37 18.39 -6.96
C PRO B 246 -12.17 19.93 -6.98
N ILE B 247 -13.01 20.69 -6.29
CA ILE B 247 -12.84 22.16 -6.26
C ILE B 247 -11.63 22.60 -5.45
N ASN B 248 -11.32 21.89 -4.36
CA ASN B 248 -10.10 22.15 -3.59
C ASN B 248 -8.85 22.14 -4.48
N TRP B 249 -8.77 21.15 -5.37
CA TRP B 249 -7.65 21.02 -6.31
C TRP B 249 -7.52 22.27 -7.20
N GLU B 250 -8.65 22.76 -7.70
CA GLU B 250 -8.69 23.94 -8.55
C GLU B 250 -8.28 25.20 -7.81
N LEU B 251 -8.81 25.34 -6.59
CA LEU B 251 -8.66 26.53 -5.78
C LEU B 251 -7.28 26.68 -5.15
N THR B 252 -6.51 25.58 -5.10
CA THR B 252 -5.20 25.59 -4.45
C THR B 252 -4.01 25.80 -5.40
N ALA B 253 -4.30 26.05 -6.67
CA ALA B 253 -3.26 26.29 -7.68
C ALA B 253 -2.25 27.41 -7.34
N PRO B 254 -2.69 28.49 -6.66
CA PRO B 254 -1.70 29.52 -6.30
C PRO B 254 -0.55 29.03 -5.41
N TRP B 255 -0.72 27.88 -4.75
CA TRP B 255 0.29 27.40 -3.81
C TRP B 255 1.20 26.27 -4.34
N THR B 256 1.24 26.10 -5.66
CA THR B 256 2.23 25.22 -6.30
C THR B 256 3.63 25.73 -6.00
N GLY B 257 4.44 24.90 -5.36
CA GLY B 257 5.83 25.22 -5.05
C GLY B 257 6.03 25.89 -3.70
N ALA B 258 4.96 26.02 -2.93
CA ALA B 258 5.02 26.63 -1.61
C ALA B 258 5.24 25.56 -0.53
N GLN B 259 6.03 25.92 0.48
CA GLN B 259 6.31 25.04 1.61
C GLN B 259 5.52 25.45 2.85
N VAL B 260 5.26 24.49 3.73
CA VAL B 260 4.75 24.77 5.07
C VAL B 260 5.94 25.11 5.96
N LYS B 261 5.91 26.32 6.52
CA LYS B 261 7.04 26.85 7.28
C LYS B 261 6.71 27.02 8.76
N VAL B 262 6.07 25.99 9.32
CA VAL B 262 5.71 25.95 10.73
C VAL B 262 6.33 24.69 11.33
N PRO B 263 6.98 24.79 12.51
CA PRO B 263 7.53 23.60 13.15
C PRO B 263 6.45 22.54 13.35
N THR B 264 6.72 21.31 12.89
CA THR B 264 5.70 20.26 12.83
C THR B 264 6.20 18.91 13.38
N LYS B 265 5.34 18.26 14.15
CA LYS B 265 5.52 16.85 14.54
C LYS B 265 4.38 16.04 13.92
N PHE B 266 4.72 14.98 13.19
CA PHE B 266 3.74 14.11 12.54
C PHE B 266 3.71 12.72 13.18
N ILE B 267 2.51 12.21 13.48
CA ILE B 267 2.35 10.90 14.12
C ILE B 267 1.29 10.07 13.40
N VAL B 268 1.60 8.79 13.15
CA VAL B 268 0.68 7.90 12.43
C VAL B 268 0.69 6.48 13.01
N GLY B 269 -0.47 5.84 13.02
CA GLY B 269 -0.57 4.45 13.46
C GLY B 269 -0.13 3.49 12.37
N GLU B 270 0.55 2.41 12.77
CA GLU B 270 1.06 1.39 11.85
C GLU B 270 0.00 0.93 10.85
N PHE B 271 -1.22 0.69 11.35
CA PHE B 271 -2.28 0.08 10.53
C PHE B 271 -3.28 1.10 9.97
N ASP B 272 -3.00 2.39 10.15
CA ASP B 272 -3.84 3.47 9.62
C ASP B 272 -3.93 3.37 8.10
N LEU B 273 -5.15 3.19 7.59
CA LEU B 273 -5.37 3.10 6.13
C LEU B 273 -4.76 4.27 5.34
N VAL B 274 -4.69 5.44 5.97
CA VAL B 274 -4.15 6.65 5.32
C VAL B 274 -2.65 6.47 5.03
N TYR B 275 -1.97 5.77 5.93
CA TYR B 275 -0.55 5.50 5.85
C TYR B 275 -0.27 4.49 4.71
N HIS B 276 -1.34 3.89 4.19
CA HIS B 276 -1.24 2.86 3.16
C HIS B 276 -1.76 3.28 1.78
N ILE B 277 -2.12 4.55 1.62
CA ILE B 277 -2.52 5.02 0.29
C ILE B 277 -1.31 4.96 -0.66
N PRO B 278 -1.56 4.82 -1.98
CA PRO B 278 -0.44 4.66 -2.91
C PRO B 278 0.57 5.81 -2.80
N GLY B 279 1.84 5.44 -2.63
CA GLY B 279 2.94 6.41 -2.62
C GLY B 279 3.26 7.06 -1.29
N ALA B 280 2.41 6.83 -0.28
CA ALA B 280 2.51 7.55 1.01
C ALA B 280 3.77 7.25 1.79
N LYS B 281 4.11 5.97 1.91
CA LYS B 281 5.32 5.56 2.64
C LYS B 281 6.62 6.14 2.04
N GLU B 282 6.71 6.10 0.72
CA GLU B 282 7.85 6.67 -0.02
C GLU B 282 7.95 8.17 0.22
N TYR B 283 6.81 8.85 0.11
CA TYR B 283 6.71 10.28 0.40
C TYR B 283 7.17 10.65 1.80
N ILE B 284 6.65 9.94 2.81
CA ILE B 284 6.91 10.23 4.23
C ILE B 284 8.35 9.95 4.67
N HIS B 285 8.93 8.86 4.18
CA HIS B 285 10.20 8.34 4.70
C HIS B 285 11.42 8.56 3.79
N ASN B 286 11.20 8.92 2.53
CA ASN B 286 12.32 9.05 1.61
C ASN B 286 12.60 10.47 1.10
N GLY B 287 12.05 11.49 1.78
CA GLY B 287 12.44 12.87 1.51
C GLY B 287 11.38 13.85 1.04
N GLY B 288 10.33 13.33 0.39
CA GLY B 288 9.25 14.17 -0.16
C GLY B 288 8.57 15.04 0.88
N PHE B 289 8.23 14.43 2.01
CA PHE B 289 7.54 15.09 3.12
C PHE B 289 8.36 16.24 3.70
N LYS B 290 9.65 15.99 3.93
CA LYS B 290 10.58 16.99 4.46
C LYS B 290 10.80 18.17 3.50
N LYS B 291 10.77 17.89 2.20
CA LYS B 291 10.85 18.92 1.17
C LYS B 291 9.70 19.91 1.22
N ASP B 292 8.50 19.40 1.48
CA ASP B 292 7.30 20.24 1.56
C ASP B 292 7.13 20.92 2.92
N VAL B 293 7.71 20.30 3.95
CA VAL B 293 7.60 20.77 5.32
C VAL B 293 9.01 20.83 5.94
N PRO B 294 9.79 21.89 5.61
CA PRO B 294 11.19 21.99 6.03
C PRO B 294 11.45 21.82 7.54
N LEU B 295 10.54 22.31 8.38
CA LEU B 295 10.72 22.21 9.85
C LEU B 295 9.99 21.02 10.50
N LEU B 296 9.88 19.92 9.75
CA LEU B 296 9.31 18.68 10.26
C LEU B 296 10.33 17.91 11.08
N GLU B 297 10.02 17.64 12.35
CA GLU B 297 10.88 16.81 13.20
C GLU B 297 10.71 15.32 12.86
N GLU B 298 11.45 14.45 13.54
CA GLU B 298 11.38 13.01 13.24
C GLU B 298 9.94 12.49 13.29
N VAL B 299 9.53 11.81 12.22
CA VAL B 299 8.19 11.25 12.09
C VAL B 299 8.01 10.11 13.09
N VAL B 300 6.82 10.04 13.68
CA VAL B 300 6.51 9.02 14.69
C VAL B 300 5.49 8.02 14.14
N VAL B 301 5.88 6.74 14.12
CA VAL B 301 5.00 5.65 13.73
C VAL B 301 4.63 4.84 14.97
N LEU B 302 3.34 4.76 15.28
CA LEU B 302 2.87 4.01 16.46
C LEU B 302 2.62 2.54 16.13
N GLU B 303 3.57 1.71 16.51
CA GLU B 303 3.54 0.28 16.19
C GLU B 303 2.34 -0.39 16.85
N GLY B 304 1.59 -1.15 16.06
CA GLY B 304 0.42 -1.88 16.54
C GLY B 304 -0.89 -1.09 16.61
N ALA B 305 -0.84 0.19 16.23
CA ALA B 305 -2.02 1.07 16.32
C ALA B 305 -2.62 1.34 14.94
N ALA B 306 -3.88 1.73 14.93
CA ALA B 306 -4.58 2.03 13.67
C ALA B 306 -4.86 3.54 13.53
N HIS B 307 -5.99 3.89 12.93
CA HIS B 307 -6.27 5.28 12.53
C HIS B 307 -6.56 6.27 13.67
N PHE B 308 -7.33 5.82 14.67
CA PHE B 308 -7.82 6.72 15.72
C PHE B 308 -6.90 6.77 16.91
N VAL B 309 -5.69 7.31 16.70
CA VAL B 309 -4.60 7.24 17.69
C VAL B 309 -4.83 8.04 18.97
N SER B 310 -5.56 9.16 18.88
CA SER B 310 -5.81 10.00 20.05
C SER B 310 -6.70 9.29 21.07
N GLN B 311 -7.51 8.34 20.60
CA GLN B 311 -8.40 7.57 21.46
C GLN B 311 -7.85 6.18 21.74
N GLU B 312 -7.20 5.57 20.74
CA GLU B 312 -6.58 4.26 20.90
C GLU B 312 -5.34 4.31 21.79
N ARG B 313 -4.47 5.29 21.56
CA ARG B 313 -3.28 5.45 22.39
C ARG B 313 -3.25 6.84 23.03
N PRO B 314 -4.21 7.12 23.93
CA PRO B 314 -4.43 8.51 24.35
C PRO B 314 -3.23 9.12 25.10
N HIS B 315 -2.59 8.35 25.97
CA HIS B 315 -1.50 8.86 26.80
C HIS B 315 -0.19 9.01 26.02
N GLU B 316 0.09 8.06 25.12
CA GLU B 316 1.20 8.16 24.17
C GLU B 316 1.09 9.45 23.35
N ILE B 317 -0.10 9.68 22.81
CA ILE B 317 -0.37 10.87 21.99
C ILE B 317 -0.29 12.15 22.82
N SER B 318 -0.94 12.15 23.98
CA SER B 318 -0.90 13.29 24.90
C SER B 318 0.53 13.70 25.28
N LYS B 319 1.34 12.72 25.66
CA LYS B 319 2.75 12.95 26.00
C LYS B 319 3.57 13.49 24.81
N HIS B 320 3.34 12.90 23.63
CA HIS B 320 4.00 13.39 22.40
C HIS B 320 3.63 14.84 22.08
N ILE B 321 2.39 15.22 22.34
CA ILE B 321 1.95 16.60 22.16
C ILE B 321 2.64 17.52 23.17
N TYR B 322 2.53 17.15 24.45
CA TYR B 322 3.13 17.91 25.56
C TYR B 322 4.66 18.07 25.38
N ASP B 323 5.35 16.97 25.09
CA ASP B 323 6.81 17.01 24.88
C ASP B 323 7.20 17.94 23.74
N PHE B 324 6.40 17.98 22.68
CA PHE B 324 6.70 18.82 21.53
C PHE B 324 6.49 20.31 21.79
N ILE B 325 5.36 20.67 22.39
CA ILE B 325 5.02 22.09 22.55
C ILE B 325 5.80 22.79 23.66
N GLN B 326 6.28 22.00 24.64
CA GLN B 326 7.15 22.50 25.71
C GLN B 326 8.51 22.98 25.19
N LYS B 327 8.90 22.51 24.01
CA LYS B 327 10.10 23.00 23.32
C LYS B 327 9.93 24.44 22.86
N PHE B 328 8.69 24.94 22.90
CA PHE B 328 8.36 26.29 22.47
C PHE B 328 7.76 27.06 23.64
O1 PG4 C . 18.12 -6.28 -22.06
C1 PG4 C . 17.79 -7.31 -21.11
C2 PG4 C . 16.31 -7.66 -21.24
O2 PG4 C . 15.76 -7.94 -19.95
C3 PG4 C . 15.13 -9.22 -19.93
C4 PG4 C . 14.65 -9.55 -18.52
O3 PG4 C . 15.58 -10.42 -17.89
C5 PG4 C . 15.13 -11.78 -17.85
C6 PG4 C . 15.77 -12.50 -16.66
O4 PG4 C . 14.78 -12.74 -15.65
C7 PG4 C . 15.34 -12.79 -14.35
C8 PG4 C . 14.31 -12.31 -13.35
O5 PG4 C . 14.66 -11.01 -12.88
C5 VPR D . -10.86 4.33 10.02
C4 VPR D . -10.73 5.70 9.36
C3 VPR D . -12.06 6.21 8.84
C2 VPR D . -12.03 6.64 7.38
C3A VPR D . -13.44 6.97 6.92
C4A VPR D . -13.86 6.05 5.78
C5A VPR D . -15.37 5.92 5.70
C1 VPR D . -11.11 7.82 7.17
N VPR D . -11.31 8.93 7.89
O VPR D . -10.22 7.71 6.32
C1 EDO E . -8.85 13.51 3.75
O1 EDO E . -8.99 12.61 2.63
C2 EDO E . -8.21 12.81 4.93
O2 EDO E . -8.82 11.53 5.17
#